data_4AO9
#
_entry.id   4AO9
#
_cell.length_a   88.740
_cell.length_b   100.110
_cell.length_c   104.799
_cell.angle_alpha   90.00
_cell.angle_beta   90.00
_cell.angle_gamma   90.00
#
_symmetry.space_group_name_H-M   'P 21 21 21'
#
loop_
_entity.id
_entity.type
_entity.pdbx_description
1 polymer 'BETA-PHENYLALANINE AMINOTRANSFERASE'
2 non-polymer "PYRIDOXAL-5'-PHOSPHATE"
3 non-polymer GLYCEROL
4 water water
#
_entity_poly.entity_id   1
_entity_poly.type   'polypeptide(L)'
_entity_poly.pdbx_seq_one_letter_code
;MGSSHHHHHHSSGLVPRGSHMTHAAIDQALADAYRRFTDANPASQRQFEAQARYMPGANSRSVLFYAPFPLTIARGEGAA
LWDADGHRYADFIAEYTAGVYGHSAPEIRDAVIEAMQGGINLTGHNLLEGRLARLICERFPQIEQLRFTNSGTEANLMAL
TAALHFTGRRKIVVFSGGYHGGVLGFGARPSPTTVPFDFLVLPYNDAQTARAQIERHGPEIAVVLVEPMQGASGCIPGQP
DFLQALRESATQVGALLVFDEVMTSRLAPHGLANKLGIRSDLTTLGKYIGGGMSFGAFGGRADVMALFDPRTGPLAHSGT
FNNNVMTMAAGYAGLTKLFTPEAAGALAERGEALRARLNALCANEGVAMQFTGIGSLMNAHFVQGDVRSSEDLAAVDGRL
RQLLFFHLLNEDIYSSPRGFVVLSLPLTDADIDRYVAAIGSFIGGHGALLPRAN
;
_entity_poly.pdbx_strand_id   A,B
#
# COMPACT_ATOMS: atom_id res chain seq x y z
N THR A 22 35.98 20.27 20.95
CA THR A 22 34.54 19.88 20.97
C THR A 22 34.20 18.86 19.88
N HIS A 23 34.55 19.18 18.63
CA HIS A 23 34.28 18.28 17.50
C HIS A 23 34.92 16.91 17.72
N ALA A 24 36.19 16.91 18.12
CA ALA A 24 36.92 15.67 18.41
C ALA A 24 36.29 14.90 19.57
N ALA A 25 35.89 15.64 20.60
CA ALA A 25 35.25 15.05 21.79
C ALA A 25 33.89 14.42 21.48
N ILE A 26 33.16 15.02 20.54
CA ILE A 26 31.88 14.46 20.10
C ILE A 26 32.12 13.15 19.32
N ASP A 27 33.11 13.16 18.43
CA ASP A 27 33.51 11.94 17.71
C ASP A 27 33.88 10.82 18.69
N GLN A 28 34.65 11.15 19.72
CA GLN A 28 35.05 10.21 20.76
C GLN A 28 33.85 9.64 21.52
N ALA A 29 32.96 10.53 21.96
CA ALA A 29 31.76 10.12 22.71
C ALA A 29 30.87 9.20 21.88
N LEU A 30 30.78 9.50 20.58
CA LEU A 30 29.98 8.66 19.67
C LEU A 30 30.60 7.28 19.46
N ALA A 31 31.91 7.24 19.29
CA ALA A 31 32.64 5.97 19.15
C ALA A 31 32.39 5.08 20.38
N ASP A 32 32.44 5.71 21.55
CA ASP A 32 32.15 5.04 22.81
C ASP A 32 30.71 4.51 22.86
N ALA A 33 29.75 5.33 22.44
CA ALA A 33 28.33 4.92 22.43
C ALA A 33 28.10 3.73 21.50
N TYR A 34 28.72 3.77 20.31
CA TYR A 34 28.65 2.65 19.36
C TYR A 34 29.17 1.36 20.00
N ARG A 35 30.31 1.44 20.68
CA ARG A 35 30.90 0.25 21.29
C ARG A 35 30.00 -0.34 22.38
N ARG A 36 29.51 0.51 23.28
CA ARG A 36 28.65 0.06 24.37
C ARG A 36 27.35 -0.55 23.83
N PHE A 37 26.78 0.12 22.83
CA PHE A 37 25.57 -0.38 22.16
C PHE A 37 25.82 -1.76 21.54
N THR A 38 26.93 -1.88 20.81
CA THR A 38 27.31 -3.14 20.16
C THR A 38 27.51 -4.27 21.17
N ASP A 39 28.28 -3.99 22.22
CA ASP A 39 28.62 -5.01 23.22
C ASP A 39 27.39 -5.51 23.98
N ALA A 40 26.42 -4.62 24.17
CA ALA A 40 25.22 -4.93 24.94
C ALA A 40 24.15 -5.65 24.13
N ASN A 41 24.30 -5.66 22.80
CA ASN A 41 23.26 -6.20 21.91
C ASN A 41 23.74 -7.24 20.90
N PRO A 42 24.40 -8.33 21.39
CA PRO A 42 24.92 -9.31 20.44
C PRO A 42 23.87 -10.08 19.63
N ALA A 43 22.72 -10.34 20.24
CA ALA A 43 21.66 -11.04 19.54
C ALA A 43 21.12 -10.16 18.40
N SER A 44 20.95 -8.87 18.65
CA SER A 44 20.54 -7.97 17.56
C SER A 44 21.60 -7.88 16.47
N GLN A 45 22.87 -7.93 16.86
CA GLN A 45 23.91 -7.88 15.84
C GLN A 45 23.91 -9.14 14.97
N ARG A 46 23.80 -10.31 15.61
CA ARG A 46 23.68 -11.59 14.90
C ARG A 46 22.51 -11.57 13.92
N GLN A 47 21.38 -11.09 14.40
CA GLN A 47 20.16 -11.06 13.58
C GLN A 47 20.34 -10.14 12.36
N PHE A 48 20.95 -8.98 12.59
CA PHE A 48 21.24 -8.04 11.51
C PHE A 48 22.11 -8.67 10.43
N GLU A 49 23.20 -9.32 10.85
CA GLU A 49 24.12 -9.90 9.89
C GLU A 49 23.45 -11.00 9.05
N ALA A 50 22.59 -11.77 9.70
CA ALA A 50 21.90 -12.86 9.01
C ALA A 50 20.90 -12.32 8.00
N GLN A 51 20.15 -11.31 8.42
CA GLN A 51 19.06 -10.76 7.62
C GLN A 51 19.59 -9.92 6.45
N ALA A 52 20.79 -9.37 6.59
CA ALA A 52 21.41 -8.58 5.51
C ALA A 52 21.70 -9.40 4.24
N ARG A 53 21.64 -10.72 4.36
CA ARG A 53 21.80 -11.57 3.18
C ARG A 53 20.64 -11.38 2.20
N TYR A 54 19.44 -11.11 2.73
CA TYR A 54 18.21 -11.20 1.94
C TYR A 54 17.50 -9.88 1.72
N MET A 55 17.86 -8.88 2.49
CA MET A 55 17.30 -7.53 2.30
C MET A 55 18.45 -6.55 2.38
N PRO A 56 18.44 -5.50 1.54
CA PRO A 56 19.62 -4.62 1.55
C PRO A 56 19.74 -3.91 2.89
N GLY A 57 20.90 -4.05 3.54
CA GLY A 57 21.08 -3.54 4.90
C GLY A 57 20.12 -4.16 5.91
N ALA A 58 19.69 -5.40 5.64
CA ALA A 58 18.71 -6.14 6.43
C ALA A 58 17.37 -5.41 6.56
N ASN A 59 17.11 -4.50 5.62
CA ASN A 59 16.13 -3.44 5.85
C ASN A 59 14.99 -3.40 4.84
N SER A 60 13.79 -3.09 5.32
CA SER A 60 12.63 -2.92 4.45
C SER A 60 11.90 -1.59 4.65
N ARG A 61 12.35 -0.79 5.62
CA ARG A 61 11.80 0.55 5.88
C ARG A 61 12.97 1.40 6.32
N SER A 62 13.39 2.33 5.47
CA SER A 62 14.65 3.03 5.66
C SER A 62 14.80 3.71 7.03
N VAL A 63 13.71 4.27 7.55
CA VAL A 63 13.78 4.98 8.83
C VAL A 63 14.17 4.06 10.01
N LEU A 64 13.95 2.77 9.85
CA LEU A 64 14.25 1.80 10.91
C LEU A 64 15.73 1.47 10.98
N PHE A 65 16.49 1.80 9.94
CA PHE A 65 17.93 1.57 10.01
C PHE A 65 18.65 2.70 10.72
N TYR A 66 19.57 2.34 11.61
CA TYR A 66 20.55 3.29 12.14
C TYR A 66 21.86 2.55 12.41
N ALA A 67 22.95 3.32 12.40
CA ALA A 67 24.27 2.77 12.66
C ALA A 67 24.50 2.61 14.17
N PRO A 68 25.35 1.64 14.57
CA PRO A 68 26.09 0.72 13.71
C PRO A 68 25.20 -0.37 13.09
N PHE A 69 24.10 -0.70 13.77
CA PHE A 69 23.06 -1.61 13.28
C PHE A 69 21.82 -1.37 14.14
N PRO A 70 20.62 -1.63 13.61
CA PRO A 70 19.41 -1.43 14.40
C PRO A 70 19.13 -2.59 15.33
N LEU A 71 18.53 -2.29 16.46
CA LEU A 71 18.01 -3.34 17.35
C LEU A 71 16.86 -4.08 16.67
N THR A 72 16.86 -5.41 16.85
CA THR A 72 15.68 -6.20 16.56
C THR A 72 14.74 -6.15 17.76
N ILE A 73 13.47 -5.87 17.49
CA ILE A 73 12.44 -5.83 18.51
C ILE A 73 11.73 -7.18 18.55
N ALA A 74 11.78 -7.83 19.71
CA ALA A 74 11.26 -9.20 19.88
C ALA A 74 9.80 -9.26 20.33
N ARG A 75 9.37 -8.27 21.10
CA ARG A 75 8.08 -8.36 21.77
C ARG A 75 7.62 -6.96 22.13
N GLY A 76 6.31 -6.77 22.19
CA GLY A 76 5.73 -5.54 22.71
C GLY A 76 4.49 -5.82 23.53
N GLU A 77 4.25 -5.00 24.55
CA GLU A 77 3.05 -5.10 25.38
C GLU A 77 2.75 -3.72 25.93
N GLY A 78 1.52 -3.25 25.74
CA GLY A 78 1.19 -1.87 26.13
C GLY A 78 2.15 -0.91 25.46
N ALA A 79 2.75 -0.01 26.22
CA ALA A 79 3.75 0.91 25.71
C ALA A 79 5.18 0.46 26.05
N ALA A 80 5.37 -0.85 26.21
CA ALA A 80 6.69 -1.45 26.43
C ALA A 80 7.16 -2.27 25.23
N LEU A 81 8.45 -2.20 24.95
CA LEU A 81 9.09 -3.01 23.91
C LEU A 81 10.31 -3.72 24.48
N TRP A 82 10.55 -4.94 24.01
CA TRP A 82 11.75 -5.70 24.37
C TRP A 82 12.53 -6.00 23.11
N ASP A 83 13.84 -5.77 23.17
CA ASP A 83 14.71 -6.16 22.06
C ASP A 83 15.15 -7.63 22.12
N ALA A 84 15.90 -8.06 21.11
CA ALA A 84 16.34 -9.45 20.99
C ALA A 84 17.27 -9.89 22.12
N ASP A 85 17.90 -8.91 22.78
CA ASP A 85 18.77 -9.20 23.92
C ASP A 85 18.08 -9.04 25.27
N GLY A 86 16.77 -8.80 25.24
CA GLY A 86 15.95 -8.80 26.44
C GLY A 86 15.83 -7.48 27.18
N HIS A 87 16.38 -6.41 26.62
CA HIS A 87 16.22 -5.09 27.23
C HIS A 87 14.77 -4.64 27.10
N ARG A 88 14.22 -4.13 28.20
CA ARG A 88 12.86 -3.59 28.22
C ARG A 88 12.92 -2.08 28.16
N TYR A 89 12.12 -1.51 27.26
CA TYR A 89 12.06 -0.06 27.08
C TYR A 89 10.65 0.48 27.19
N ALA A 90 10.53 1.70 27.68
CA ALA A 90 9.32 2.48 27.47
C ALA A 90 9.40 3.02 26.04
N ASP A 91 8.33 2.79 25.29
CA ASP A 91 8.23 3.16 23.88
C ASP A 91 7.75 4.61 23.69
N PHE A 92 8.65 5.46 23.20
CA PHE A 92 8.34 6.85 22.89
C PHE A 92 8.36 7.15 21.40
N ILE A 93 8.12 6.13 20.59
CA ILE A 93 8.03 6.33 19.14
C ILE A 93 6.76 5.71 18.52
N ALA A 94 6.29 4.59 19.06
CA ALA A 94 4.95 4.07 18.74
C ALA A 94 4.62 4.03 17.25
N GLU A 95 5.45 3.31 16.50
CA GLU A 95 5.29 3.08 15.07
C GLU A 95 5.08 4.38 14.30
N TYR A 96 5.85 5.40 14.66
CA TYR A 96 5.85 6.67 13.94
C TYR A 96 4.44 7.24 13.84
N THR A 97 3.72 7.12 14.96
CA THR A 97 2.33 7.59 15.18
C THR A 97 1.23 6.59 14.85
N ALA A 98 1.55 5.53 14.11
CA ALA A 98 0.54 4.51 13.81
C ALA A 98 0.11 3.73 15.06
N GLY A 99 1.04 3.59 16.00
CA GLY A 99 0.86 2.72 17.18
C GLY A 99 0.24 3.39 18.39
N VAL A 100 -0.77 4.24 18.17
CA VAL A 100 -1.36 5.02 19.24
C VAL A 100 -2.02 4.14 20.31
N TYR A 101 -2.36 2.91 19.94
CA TYR A 101 -3.05 2.00 20.86
C TYR A 101 -2.09 1.17 21.69
N GLY A 102 -0.80 1.35 21.47
CA GLY A 102 0.21 0.48 22.06
C GLY A 102 0.31 -0.83 21.29
N HIS A 103 1.04 -1.78 21.87
CA HIS A 103 1.43 -2.98 21.12
C HIS A 103 0.54 -4.19 21.30
N SER A 104 -0.45 -4.10 22.20
CA SER A 104 -1.22 -5.28 22.58
C SER A 104 -2.64 -4.99 23.04
N ALA A 105 -3.25 -3.95 22.49
CA ALA A 105 -4.61 -3.59 22.90
C ALA A 105 -5.58 -4.74 22.63
N PRO A 106 -6.26 -5.25 23.66
CA PRO A 106 -7.17 -6.37 23.43
C PRO A 106 -8.35 -6.00 22.53
N GLU A 107 -8.74 -4.73 22.55
CA GLU A 107 -9.85 -4.26 21.71
C GLU A 107 -9.53 -4.45 20.23
N ILE A 108 -8.27 -4.21 19.87
CA ILE A 108 -7.80 -4.38 18.50
C ILE A 108 -7.68 -5.86 18.18
N ARG A 109 -6.97 -6.58 19.05
CA ARG A 109 -6.75 -8.00 18.82
C ARG A 109 -8.07 -8.76 18.69
N ASP A 110 -9.02 -8.49 19.58
CA ASP A 110 -10.32 -9.18 19.54
C ASP A 110 -11.12 -8.83 18.28
N ALA A 111 -11.04 -7.58 17.83
CA ALA A 111 -11.72 -7.19 16.60
C ALA A 111 -11.14 -7.93 15.40
N VAL A 112 -9.82 -8.04 15.34
CA VAL A 112 -9.15 -8.75 14.26
C VAL A 112 -9.51 -10.24 14.29
N ILE A 113 -9.46 -10.84 15.47
CA ILE A 113 -9.82 -12.26 15.61
C ILE A 113 -11.26 -12.52 15.16
N GLU A 114 -12.19 -11.69 15.61
CA GLU A 114 -13.58 -11.84 15.19
C GLU A 114 -13.74 -11.70 13.68
N ALA A 115 -13.04 -10.73 13.08
CA ALA A 115 -13.08 -10.57 11.62
C ALA A 115 -12.56 -11.82 10.91
N MET A 116 -11.43 -12.35 11.37
CA MET A 116 -10.85 -13.55 10.74
C MET A 116 -11.79 -14.74 10.84
N GLN A 117 -12.50 -14.86 11.96
CA GLN A 117 -13.46 -15.95 12.16
C GLN A 117 -14.65 -15.91 11.19
N GLY A 118 -14.98 -14.71 10.72
CA GLY A 118 -16.02 -14.53 9.71
C GLY A 118 -15.56 -14.77 8.29
N GLY A 119 -14.25 -14.97 8.12
CA GLY A 119 -13.66 -15.19 6.80
C GLY A 119 -12.96 -13.94 6.29
N ILE A 120 -11.76 -14.15 5.70
CA ILE A 120 -10.99 -13.06 5.08
C ILE A 120 -10.95 -13.21 3.58
N ASN A 121 -10.39 -12.20 2.90
CA ASN A 121 -10.29 -12.18 1.44
C ASN A 121 -11.67 -12.34 0.78
N LEU A 122 -12.64 -11.58 1.28
CA LEU A 122 -14.05 -11.80 0.94
C LEU A 122 -14.47 -11.42 -0.48
N THR A 123 -13.59 -10.72 -1.21
CA THR A 123 -13.79 -10.50 -2.65
C THR A 123 -15.11 -9.83 -3.01
N GLY A 124 -15.44 -8.77 -2.28
CA GLY A 124 -16.65 -8.03 -2.56
C GLY A 124 -16.81 -6.88 -1.61
N HIS A 125 -17.83 -6.08 -1.85
CA HIS A 125 -18.27 -5.13 -0.82
C HIS A 125 -18.56 -5.97 0.42
N ASN A 126 -18.28 -5.42 1.60
CA ASN A 126 -18.45 -6.18 2.84
C ASN A 126 -19.24 -5.39 3.88
N LEU A 127 -19.47 -6.03 5.03
CA LEU A 127 -20.31 -5.44 6.08
C LEU A 127 -19.56 -4.50 7.03
N LEU A 128 -18.25 -4.36 6.85
CA LEU A 128 -17.43 -3.59 7.78
C LEU A 128 -16.90 -2.28 7.22
N GLU A 129 -16.64 -2.23 5.91
CA GLU A 129 -16.07 -1.03 5.29
C GLU A 129 -16.96 0.21 5.45
N GLY A 130 -18.27 0.02 5.34
CA GLY A 130 -19.21 1.12 5.42
C GLY A 130 -19.27 1.75 6.79
N ARG A 131 -19.15 0.91 7.83
CA ARG A 131 -19.15 1.38 9.23
C ARG A 131 -17.94 2.29 9.48
N LEU A 132 -16.78 1.88 8.97
CA LEU A 132 -15.59 2.67 9.19
C LEU A 132 -15.62 3.94 8.34
N ALA A 133 -16.09 3.84 7.09
CA ALA A 133 -16.22 5.03 6.25
C ALA A 133 -17.12 6.07 6.89
N ARG A 134 -18.28 5.64 7.39
CA ARG A 134 -19.20 6.55 8.07
C ARG A 134 -18.56 7.20 9.30
N LEU A 135 -17.89 6.39 10.11
CA LEU A 135 -17.23 6.89 11.31
C LEU A 135 -16.21 7.98 10.96
N ILE A 136 -15.42 7.74 9.91
CA ILE A 136 -14.40 8.71 9.53
C ILE A 136 -15.02 10.01 9.02
N CYS A 137 -16.05 9.91 8.18
CA CYS A 137 -16.74 11.08 7.65
C CYS A 137 -17.37 11.90 8.77
N GLU A 138 -17.86 11.22 9.80
CA GLU A 138 -18.47 11.92 10.94
C GLU A 138 -17.41 12.61 11.80
N ARG A 139 -16.25 11.98 11.94
CA ARG A 139 -15.17 12.52 12.75
C ARG A 139 -14.48 13.69 12.07
N PHE A 140 -14.38 13.63 10.74
CA PHE A 140 -13.72 14.66 9.96
C PHE A 140 -14.70 15.13 8.88
N PRO A 141 -15.61 16.05 9.24
CA PRO A 141 -16.72 16.39 8.34
C PRO A 141 -16.33 17.06 7.02
N GLN A 142 -15.09 17.52 6.91
CA GLN A 142 -14.56 17.98 5.61
C GLN A 142 -14.40 16.83 4.62
N ILE A 143 -14.58 15.60 5.11
CA ILE A 143 -14.58 14.43 4.25
C ILE A 143 -16.03 14.00 4.05
N GLU A 144 -16.58 14.34 2.88
CA GLU A 144 -17.98 14.04 2.55
C GLU A 144 -18.12 12.60 2.08
N GLN A 145 -17.17 12.17 1.24
CA GLN A 145 -17.01 10.76 0.90
C GLN A 145 -15.53 10.44 0.84
N LEU A 146 -15.20 9.15 0.98
CA LEU A 146 -13.81 8.71 0.95
C LEU A 146 -13.67 7.39 0.22
N ARG A 147 -12.43 7.03 -0.09
CA ARG A 147 -12.08 5.66 -0.45
C ARG A 147 -10.87 5.23 0.38
N PHE A 148 -10.77 3.93 0.65
CA PHE A 148 -9.65 3.37 1.39
C PHE A 148 -8.53 2.93 0.47
N THR A 149 -7.31 3.03 0.99
CA THR A 149 -6.12 2.58 0.30
C THR A 149 -5.32 1.70 1.27
N ASN A 150 -4.16 1.23 0.83
CA ASN A 150 -3.34 0.36 1.65
C ASN A 150 -2.20 1.05 2.39
N SER A 151 -2.08 2.36 2.20
CA SER A 151 -1.01 3.16 2.80
C SER A 151 -1.33 4.63 2.63
N GLY A 152 -0.66 5.44 3.45
CA GLY A 152 -0.72 6.90 3.30
C GLY A 152 -0.15 7.34 1.95
N THR A 153 0.91 6.66 1.49
CA THR A 153 1.49 6.96 0.19
C THR A 153 0.47 6.79 -0.93
N GLU A 154 -0.26 5.69 -0.92
CA GLU A 154 -1.31 5.49 -1.92
C GLU A 154 -2.42 6.54 -1.79
N ALA A 155 -2.78 6.91 -0.56
CA ALA A 155 -3.84 7.91 -0.38
C ALA A 155 -3.43 9.24 -1.02
N ASN A 156 -2.19 9.65 -0.78
CA ASN A 156 -1.70 10.89 -1.40
C ASN A 156 -1.58 10.78 -2.92
N LEU A 157 -1.11 9.64 -3.41
CA LEU A 157 -1.06 9.45 -4.87
C LEU A 157 -2.45 9.59 -5.48
N MET A 158 -3.45 9.00 -4.84
CA MET A 158 -4.80 9.08 -5.37
C MET A 158 -5.40 10.45 -5.26
N ALA A 159 -5.13 11.15 -4.16
CA ALA A 159 -5.62 12.52 -4.01
C ALA A 159 -5.06 13.42 -5.11
N LEU A 160 -3.76 13.29 -5.37
CA LEU A 160 -3.13 14.04 -6.46
C LEU A 160 -3.73 13.69 -7.81
N THR A 161 -3.90 12.41 -8.08
CA THR A 161 -4.47 11.93 -9.33
C THR A 161 -5.86 12.51 -9.53
N ALA A 162 -6.65 12.49 -8.46
CA ALA A 162 -8.01 13.05 -8.50
C ALA A 162 -7.97 14.52 -8.87
N ALA A 163 -7.09 15.26 -8.22
CA ALA A 163 -7.01 16.71 -8.42
C ALA A 163 -6.58 17.08 -9.84
N LEU A 164 -5.59 16.34 -10.37
CA LEU A 164 -5.13 16.59 -11.74
C LEU A 164 -6.30 16.41 -12.71
N HIS A 165 -7.07 15.34 -12.53
CA HIS A 165 -8.16 15.06 -13.44
C HIS A 165 -9.31 16.05 -13.28
N PHE A 166 -9.64 16.35 -12.02
CA PHE A 166 -10.75 17.24 -11.72
C PHE A 166 -10.53 18.63 -12.32
N THR A 167 -9.31 19.14 -12.21
CA THR A 167 -8.97 20.47 -12.70
C THR A 167 -8.53 20.53 -14.15
N GLY A 168 -8.08 19.40 -14.70
CA GLY A 168 -7.48 19.41 -16.05
C GLY A 168 -6.15 20.14 -16.10
N ARG A 169 -5.47 20.21 -14.96
CA ARG A 169 -4.17 20.89 -14.87
C ARG A 169 -3.11 19.90 -14.39
N ARG A 170 -1.84 20.29 -14.49
CA ARG A 170 -0.75 19.34 -14.20
C ARG A 170 0.20 19.71 -13.06
N LYS A 171 0.29 20.99 -12.72
CA LYS A 171 1.32 21.42 -11.77
C LYS A 171 0.86 21.23 -10.33
N ILE A 172 1.77 20.74 -9.50
CA ILE A 172 1.45 20.44 -8.10
C ILE A 172 2.38 21.25 -7.20
N VAL A 173 1.81 22.09 -6.34
CA VAL A 173 2.59 22.83 -5.35
C VAL A 173 2.74 22.00 -4.08
N VAL A 174 4.00 21.81 -3.68
CA VAL A 174 4.36 21.17 -2.42
C VAL A 174 5.39 22.04 -1.71
N PHE A 175 5.78 21.63 -0.51
CA PHE A 175 6.68 22.45 0.29
C PHE A 175 7.94 21.76 0.70
N SER A 176 9.02 22.55 0.77
CA SER A 176 10.33 22.06 1.19
C SER A 176 10.20 21.32 2.50
N GLY A 177 10.82 20.16 2.60
CA GLY A 177 10.72 19.31 3.79
C GLY A 177 9.46 18.45 3.84
N GLY A 178 8.56 18.64 2.88
CA GLY A 178 7.32 17.90 2.83
C GLY A 178 7.53 16.41 2.70
N TYR A 179 6.77 15.65 3.46
CA TYR A 179 6.78 14.20 3.36
C TYR A 179 5.38 13.66 3.20
N HIS A 180 5.16 12.97 2.08
CA HIS A 180 3.81 12.50 1.74
C HIS A 180 3.82 11.02 1.39
N GLY A 181 4.93 10.35 1.71
CA GLY A 181 5.07 8.92 1.49
C GLY A 181 6.31 8.55 0.71
N GLY A 182 6.42 7.25 0.42
CA GLY A 182 7.66 6.66 -0.10
C GLY A 182 8.13 7.17 -1.44
N VAL A 183 7.19 7.66 -2.24
CA VAL A 183 7.52 8.22 -3.56
C VAL A 183 7.04 9.66 -3.67
N LEU A 184 6.84 10.31 -2.52
CA LEU A 184 6.39 11.72 -2.48
C LEU A 184 7.08 12.52 -1.38
N GLY A 185 8.41 12.62 -1.49
CA GLY A 185 9.22 13.31 -0.48
C GLY A 185 9.98 14.46 -1.08
N PHE A 186 10.19 15.50 -0.29
CA PHE A 186 10.83 16.73 -0.75
C PHE A 186 11.82 17.27 0.24
N GLY A 187 13.01 17.60 -0.25
CA GLY A 187 13.95 18.46 0.47
C GLY A 187 13.67 19.83 -0.11
N ALA A 188 14.72 20.51 -0.60
CA ALA A 188 14.55 21.70 -1.43
C ALA A 188 14.04 21.33 -2.83
N ARG A 189 14.31 20.09 -3.23
CA ARG A 189 13.90 19.54 -4.52
C ARG A 189 13.22 18.18 -4.28
N PRO A 190 12.52 17.63 -5.28
CA PRO A 190 11.97 16.29 -5.09
C PRO A 190 13.08 15.29 -4.78
N SER A 191 12.81 14.39 -3.84
CA SER A 191 13.78 13.38 -3.47
CA SER A 191 13.74 13.34 -3.44
C SER A 191 14.03 12.41 -4.61
N PRO A 192 15.15 11.66 -4.57
CA PRO A 192 15.46 10.78 -5.68
C PRO A 192 14.39 9.72 -6.01
N THR A 193 13.59 9.33 -5.02
CA THR A 193 12.56 8.31 -5.23
C THR A 193 11.18 8.90 -5.57
N THR A 194 11.09 10.22 -5.69
CA THR A 194 9.79 10.86 -5.91
C THR A 194 9.31 10.73 -7.35
N VAL A 195 8.04 10.33 -7.50
CA VAL A 195 7.43 10.19 -8.83
C VAL A 195 7.48 11.50 -9.61
N PRO A 196 7.72 11.41 -10.93
CA PRO A 196 7.93 12.61 -11.73
C PRO A 196 6.65 13.34 -12.15
N PHE A 197 5.80 13.69 -11.20
CA PHE A 197 4.78 14.72 -11.45
C PHE A 197 5.51 16.06 -11.64
N ASP A 198 4.78 17.05 -12.14
CA ASP A 198 5.31 18.40 -12.26
C ASP A 198 5.20 19.14 -10.92
N PHE A 199 6.18 18.97 -10.05
CA PHE A 199 6.17 19.61 -8.74
C PHE A 199 6.83 20.97 -8.73
N LEU A 200 6.13 21.95 -8.13
CA LEU A 200 6.72 23.25 -7.80
C LEU A 200 6.92 23.28 -6.29
N VAL A 201 8.18 23.32 -5.86
CA VAL A 201 8.54 23.19 -4.45
C VAL A 201 8.80 24.57 -3.87
N LEU A 202 8.00 24.96 -2.88
CA LEU A 202 8.05 26.28 -2.28
C LEU A 202 8.46 26.16 -0.82
N PRO A 203 8.96 27.26 -0.23
CA PRO A 203 9.39 27.17 1.17
C PRO A 203 8.22 27.04 2.15
N TYR A 204 8.32 26.07 3.06
CA TYR A 204 7.29 25.95 4.12
C TYR A 204 7.27 27.21 4.99
N ASN A 205 6.06 27.62 5.37
CA ASN A 205 5.85 28.78 6.27
C ASN A 205 6.26 30.12 5.70
N ASP A 206 6.36 30.21 4.38
CA ASP A 206 6.60 31.49 3.72
C ASP A 206 5.33 31.90 2.98
N ALA A 207 4.48 32.67 3.66
CA ALA A 207 3.19 33.08 3.11
C ALA A 207 3.36 33.93 1.87
N GLN A 208 4.32 34.85 1.88
CA GLN A 208 4.49 35.82 0.81
C GLN A 208 4.91 35.12 -0.47
N THR A 209 5.88 34.22 -0.37
CA THR A 209 6.33 33.45 -1.53
C THR A 209 5.20 32.54 -2.06
N ALA A 210 4.46 31.92 -1.15
CA ALA A 210 3.35 31.06 -1.54
C ALA A 210 2.30 31.82 -2.35
N ARG A 211 1.85 32.96 -1.84
CA ARG A 211 0.87 33.80 -2.57
C ARG A 211 1.42 34.19 -3.93
N ALA A 212 2.65 34.66 -3.96
CA ALA A 212 3.24 35.16 -5.21
C ALA A 212 3.40 34.07 -6.27
N GLN A 213 3.93 32.92 -5.85
CA GLN A 213 4.18 31.85 -6.80
C GLN A 213 2.93 31.11 -7.23
N ILE A 214 1.98 30.93 -6.31
CA ILE A 214 0.70 30.34 -6.70
C ILE A 214 -0.06 31.23 -7.69
N GLU A 215 -0.13 32.53 -7.40
CA GLU A 215 -0.78 33.47 -8.32
C GLU A 215 -0.05 33.54 -9.68
N ARG A 216 1.28 33.58 -9.63
CA ARG A 216 2.08 33.66 -10.85
C ARG A 216 1.83 32.48 -11.79
N HIS A 217 1.71 31.28 -11.22
CA HIS A 217 1.51 30.07 -12.02
C HIS A 217 0.06 29.60 -12.00
N GLY A 218 -0.86 30.50 -11.61
CA GLY A 218 -2.24 30.11 -11.33
C GLY A 218 -2.90 29.09 -12.25
N PRO A 219 -2.95 29.37 -13.55
CA PRO A 219 -3.68 28.51 -14.48
C PRO A 219 -3.10 27.10 -14.60
N GLU A 220 -1.86 26.92 -14.18
CA GLU A 220 -1.21 25.62 -14.28
C GLU A 220 -1.40 24.74 -13.06
N ILE A 221 -1.82 25.33 -11.94
CA ILE A 221 -1.77 24.63 -10.66
C ILE A 221 -3.05 23.85 -10.38
N ALA A 222 -2.91 22.53 -10.36
CA ALA A 222 -4.03 21.65 -10.06
C ALA A 222 -4.30 21.60 -8.57
N VAL A 223 -3.23 21.63 -7.78
CA VAL A 223 -3.35 21.29 -6.37
C VAL A 223 -2.20 21.87 -5.57
N VAL A 224 -2.52 22.27 -4.35
CA VAL A 224 -1.53 22.64 -3.34
C VAL A 224 -1.64 21.57 -2.26
N LEU A 225 -0.55 20.83 -2.05
CA LEU A 225 -0.53 19.70 -1.10
C LEU A 225 0.39 20.06 0.06
N VAL A 226 -0.14 19.97 1.28
CA VAL A 226 0.63 20.42 2.45
C VAL A 226 0.23 19.67 3.72
N GLU A 227 1.22 19.44 4.58
CA GLU A 227 0.99 18.99 5.96
C GLU A 227 0.69 20.21 6.84
N PRO A 228 -0.40 20.19 7.62
CA PRO A 228 -0.64 21.37 8.50
C PRO A 228 0.40 21.50 9.62
N MET A 229 1.10 20.41 9.93
CA MET A 229 2.34 20.41 10.69
C MET A 229 3.21 19.38 10.00
N GLN A 230 4.41 19.77 9.58
CA GLN A 230 5.30 18.79 8.95
C GLN A 230 5.79 17.79 9.98
N GLY A 231 5.70 16.52 9.62
CA GLY A 231 6.06 15.42 10.52
C GLY A 231 7.51 15.03 10.40
N ALA A 232 7.84 14.34 9.31
CA ALA A 232 9.18 13.83 9.06
C ALA A 232 10.28 14.89 9.11
N SER A 233 9.97 16.12 8.68
CA SER A 233 10.98 17.17 8.69
C SER A 233 11.32 17.66 10.10
N GLY A 234 10.50 17.29 11.09
CA GLY A 234 10.81 17.61 12.50
C GLY A 234 9.70 18.21 13.36
N CYS A 235 8.45 17.84 13.10
CA CYS A 235 7.30 18.39 13.85
C CYS A 235 7.31 19.92 13.85
N ILE A 236 7.20 20.47 12.64
CA ILE A 236 7.23 21.91 12.40
C ILE A 236 5.81 22.41 12.11
N PRO A 237 5.18 23.10 13.08
CA PRO A 237 3.83 23.61 12.87
C PRO A 237 3.74 24.58 11.70
N GLY A 238 2.71 24.40 10.86
CA GLY A 238 2.37 25.38 9.84
C GLY A 238 1.74 26.57 10.53
N GLN A 239 2.22 27.75 10.20
CA GLN A 239 1.71 28.96 10.84
C GLN A 239 0.37 29.35 10.22
N PRO A 240 -0.56 29.90 11.04
CA PRO A 240 -1.88 30.33 10.55
C PRO A 240 -1.84 31.21 9.29
N ASP A 241 -0.94 32.20 9.25
CA ASP A 241 -0.86 33.12 8.11
C ASP A 241 -0.52 32.38 6.81
N PHE A 242 0.38 31.40 6.93
CA PHE A 242 0.85 30.61 5.81
C PHE A 242 -0.26 29.70 5.31
N LEU A 243 -0.85 28.94 6.23
CA LEU A 243 -1.90 27.99 5.84
C LEU A 243 -3.13 28.70 5.25
N GLN A 244 -3.52 29.83 5.85
CA GLN A 244 -4.60 30.65 5.28
C GLN A 244 -4.25 31.19 3.89
N ALA A 245 -3.00 31.60 3.70
CA ALA A 245 -2.53 32.06 2.40
C ALA A 245 -2.69 30.96 1.35
N LEU A 246 -2.42 29.70 1.74
CA LEU A 246 -2.60 28.58 0.80
C LEU A 246 -4.06 28.38 0.41
N ARG A 247 -4.96 28.42 1.38
CA ARG A 247 -6.38 28.28 1.13
C ARG A 247 -6.87 29.41 0.21
N GLU A 248 -6.48 30.64 0.54
CA GLU A 248 -6.93 31.77 -0.27
C GLU A 248 -6.38 31.74 -1.69
N SER A 249 -5.09 31.44 -1.81
CA SER A 249 -4.44 31.41 -3.13
C SER A 249 -4.99 30.27 -4.00
N ALA A 250 -5.17 29.08 -3.42
CA ALA A 250 -5.74 27.97 -4.15
C ALA A 250 -7.14 28.32 -4.67
N THR A 251 -7.98 28.88 -3.81
CA THR A 251 -9.30 29.31 -4.25
C THR A 251 -9.23 30.35 -5.36
N GLN A 252 -8.34 31.34 -5.20
CA GLN A 252 -8.23 32.40 -6.20
C GLN A 252 -7.89 31.87 -7.59
N VAL A 253 -6.97 30.90 -7.66
CA VAL A 253 -6.49 30.44 -8.97
C VAL A 253 -7.26 29.23 -9.53
N GLY A 254 -8.13 28.63 -8.72
CA GLY A 254 -8.90 27.45 -9.16
C GLY A 254 -8.27 26.10 -8.88
N ALA A 255 -7.30 26.08 -7.96
CA ALA A 255 -6.62 24.85 -7.55
C ALA A 255 -7.34 24.24 -6.36
N LEU A 256 -7.14 22.94 -6.19
CA LEU A 256 -7.62 22.27 -4.97
C LEU A 256 -6.56 22.36 -3.88
N LEU A 257 -6.99 22.58 -2.65
CA LEU A 257 -6.08 22.46 -1.51
C LEU A 257 -6.26 21.07 -0.94
N VAL A 258 -5.15 20.36 -0.75
CA VAL A 258 -5.17 19.04 -0.13
C VAL A 258 -4.34 19.08 1.14
N PHE A 259 -4.99 18.81 2.27
CA PHE A 259 -4.26 18.64 3.52
C PHE A 259 -3.91 17.16 3.72
N ASP A 260 -2.61 16.92 3.87
CA ASP A 260 -2.13 15.61 4.26
C ASP A 260 -2.20 15.55 5.80
N GLU A 261 -3.23 14.88 6.29
CA GLU A 261 -3.41 14.70 7.74
C GLU A 261 -3.13 13.27 8.17
N VAL A 262 -2.28 12.59 7.40
CA VAL A 262 -1.90 11.22 7.79
C VAL A 262 -1.36 11.21 9.22
N MET A 263 -0.56 12.20 9.57
CA MET A 263 -0.11 12.35 10.96
C MET A 263 -1.01 13.32 11.75
N THR A 264 -1.34 14.47 11.18
CA THR A 264 -1.99 15.53 11.96
C THR A 264 -3.44 15.25 12.36
N SER A 265 -4.08 14.23 11.78
CA SER A 265 -5.47 13.95 12.15
C SER A 265 -5.61 13.55 13.61
N ARG A 266 -4.54 13.05 14.20
CA ARG A 266 -4.59 12.65 15.62
C ARG A 266 -4.41 13.79 16.62
N LEU A 267 -4.12 14.99 16.14
CA LEU A 267 -3.65 16.07 17.00
C LEU A 267 -4.72 16.84 17.76
N ALA A 268 -5.97 16.59 17.42
CA ALA A 268 -7.11 17.23 18.07
C ALA A 268 -8.28 16.31 17.87
N PRO A 269 -9.39 16.51 18.62
CA PRO A 269 -10.54 15.62 18.52
C PRO A 269 -11.03 15.37 17.08
N HIS A 270 -10.94 16.40 16.24
CA HIS A 270 -11.34 16.29 14.85
C HIS A 270 -10.22 16.65 13.87
N GLY A 271 -8.99 16.46 14.33
CA GLY A 271 -7.81 16.72 13.50
C GLY A 271 -7.37 18.16 13.52
N LEU A 272 -6.14 18.39 13.06
CA LEU A 272 -5.54 19.71 13.12
C LEU A 272 -6.22 20.76 12.23
N ALA A 273 -6.55 20.40 10.99
CA ALA A 273 -7.17 21.38 10.09
C ALA A 273 -8.47 21.93 10.66
N ASN A 274 -9.28 21.06 11.26
CA ASN A 274 -10.51 21.52 11.92
C ASN A 274 -10.26 22.45 13.11
N LYS A 275 -9.23 22.13 13.90
CA LYS A 275 -8.84 23.00 15.02
C LYS A 275 -8.43 24.39 14.52
N LEU A 276 -7.72 24.44 13.40
CA LEU A 276 -7.25 25.70 12.80
C LEU A 276 -8.36 26.43 12.04
N GLY A 277 -9.44 25.72 11.71
CA GLY A 277 -10.56 26.30 10.97
C GLY A 277 -10.28 26.56 9.50
N ILE A 278 -9.50 25.69 8.88
CA ILE A 278 -9.22 25.78 7.45
C ILE A 278 -9.69 24.51 6.75
N ARG A 279 -10.56 24.69 5.77
CA ARG A 279 -11.19 23.59 5.04
C ARG A 279 -10.42 23.30 3.75
N SER A 280 -9.85 22.11 3.65
CA SER A 280 -9.27 21.66 2.37
C SER A 280 -10.31 20.96 1.50
N ASP A 281 -10.06 20.97 0.19
CA ASP A 281 -10.93 20.28 -0.76
C ASP A 281 -10.84 18.76 -0.67
N LEU A 282 -9.65 18.25 -0.35
CA LEU A 282 -9.45 16.84 -0.03
C LEU A 282 -8.56 16.75 1.20
N THR A 283 -8.64 15.60 1.88
CA THR A 283 -7.84 15.30 3.04
C THR A 283 -7.37 13.86 2.89
N THR A 284 -6.11 13.61 3.23
CA THR A 284 -5.62 12.23 3.29
C THR A 284 -5.36 11.83 4.74
N LEU A 285 -5.57 10.54 5.00
CA LEU A 285 -5.46 9.94 6.33
C LEU A 285 -4.68 8.65 6.24
N GLY A 286 -4.14 8.22 7.38
CA GLY A 286 -3.40 6.98 7.43
C GLY A 286 -2.98 6.64 8.84
N LYS A 287 -1.91 5.87 8.92
CA LYS A 287 -1.29 5.44 10.20
C LYS A 287 -2.37 4.86 11.17
N TYR A 288 -2.65 5.52 12.29
CA TYR A 288 -3.47 4.89 13.34
C TYR A 288 -4.94 4.63 13.00
N ILE A 289 -5.45 5.27 11.95
CA ILE A 289 -6.87 5.15 11.62
C ILE A 289 -7.28 3.70 11.30
N GLY A 290 -6.33 2.88 10.82
CA GLY A 290 -6.60 1.47 10.57
C GLY A 290 -6.40 0.55 11.76
N GLY A 291 -6.36 1.12 12.97
CA GLY A 291 -6.25 0.31 14.20
C GLY A 291 -4.92 -0.37 14.40
N GLY A 292 -3.91 0.08 13.66
CA GLY A 292 -2.59 -0.54 13.67
C GLY A 292 -2.36 -1.46 12.49
N MET A 293 -3.39 -1.65 11.66
CA MET A 293 -3.30 -2.46 10.45
C MET A 293 -2.98 -1.57 9.25
N SER A 294 -2.46 -2.16 8.17
CA SER A 294 -2.19 -1.44 6.92
C SER A 294 -3.41 -0.61 6.54
N PHE A 295 -3.19 0.67 6.24
CA PHE A 295 -4.32 1.56 6.03
C PHE A 295 -3.93 2.89 5.40
N GLY A 296 -4.80 3.41 4.55
CA GLY A 296 -4.82 4.83 4.20
C GLY A 296 -6.23 5.18 3.73
N ALA A 297 -6.51 6.47 3.60
CA ALA A 297 -7.78 6.90 2.99
C ALA A 297 -7.60 8.26 2.37
N PHE A 298 -8.33 8.52 1.29
CA PHE A 298 -8.43 9.88 0.76
C PHE A 298 -9.88 10.20 0.60
N GLY A 299 -10.24 11.45 0.86
CA GLY A 299 -11.63 11.87 0.70
C GLY A 299 -11.74 13.37 0.76
N GLY A 300 -12.98 13.86 0.70
CA GLY A 300 -13.22 15.29 0.72
C GLY A 300 -14.51 15.59 0.00
N ARG A 301 -14.50 16.60 -0.84
CA ARG A 301 -15.71 17.02 -1.57
C ARG A 301 -16.31 15.88 -2.36
N ALA A 302 -17.62 15.67 -2.20
CA ALA A 302 -18.33 14.65 -2.94
C ALA A 302 -18.22 14.84 -4.47
N ASP A 303 -18.18 16.08 -4.95
CA ASP A 303 -18.09 16.28 -6.39
C ASP A 303 -16.74 15.89 -6.97
N VAL A 304 -15.68 15.98 -6.16
CA VAL A 304 -14.36 15.49 -6.60
C VAL A 304 -14.32 13.97 -6.49
N MET A 305 -14.82 13.43 -5.38
CA MET A 305 -14.83 11.98 -5.18
C MET A 305 -15.72 11.25 -6.20
N ALA A 306 -16.67 11.98 -6.78
CA ALA A 306 -17.57 11.43 -7.79
C ALA A 306 -16.81 10.94 -9.02
N LEU A 307 -15.59 11.43 -9.22
CA LEU A 307 -14.76 10.94 -10.32
C LEU A 307 -14.57 9.44 -10.23
N PHE A 308 -14.65 8.89 -9.02
CA PHE A 308 -14.42 7.47 -8.77
C PHE A 308 -15.68 6.61 -8.62
N ASP A 309 -16.85 7.22 -8.72
CA ASP A 309 -18.10 6.45 -8.64
C ASP A 309 -18.17 5.56 -9.88
N PRO A 310 -18.13 4.23 -9.71
CA PRO A 310 -18.05 3.38 -10.90
C PRO A 310 -19.28 3.46 -11.80
N ARG A 311 -20.39 3.96 -11.28
CA ARG A 311 -21.60 4.12 -12.08
C ARG A 311 -21.46 5.19 -13.17
N THR A 312 -20.71 6.25 -12.87
CA THR A 312 -20.76 7.48 -13.69
C THR A 312 -19.41 8.17 -13.89
N GLY A 313 -18.47 7.98 -12.97
CA GLY A 313 -17.19 8.68 -13.02
C GLY A 313 -16.18 8.04 -13.95
N PRO A 314 -15.23 8.83 -14.45
CA PRO A 314 -14.29 8.34 -15.45
C PRO A 314 -13.05 7.64 -14.90
N LEU A 315 -12.84 7.67 -13.58
CA LEU A 315 -11.60 7.14 -13.00
C LEU A 315 -11.82 5.84 -12.26
N ALA A 316 -10.94 4.90 -12.52
CA ALA A 316 -10.88 3.69 -11.70
C ALA A 316 -9.96 3.95 -10.52
N HIS A 317 -10.27 3.35 -9.39
CA HIS A 317 -9.33 3.23 -8.29
C HIS A 317 -9.32 1.79 -7.81
N SER A 318 -8.29 1.06 -8.22
CA SER A 318 -8.15 -0.35 -7.91
C SER A 318 -7.25 -0.57 -6.68
N GLY A 319 -7.11 -1.83 -6.26
N GLY A 319 -7.09 -1.83 -6.33
CA GLY A 319 -6.23 -2.16 -5.14
CA GLY A 319 -6.26 -2.23 -5.24
C GLY A 319 -6.74 -3.28 -4.26
C GLY A 319 -6.84 -3.54 -4.77
N THR A 320 -5.99 -4.38 -4.20
CA THR A 320 -6.45 -5.65 -3.67
C THR A 320 -6.93 -5.60 -2.22
N PHE A 321 -6.14 -4.97 -1.36
CA PHE A 321 -6.40 -5.06 0.07
C PHE A 321 -7.16 -3.87 0.66
N ASN A 322 -7.65 -2.98 -0.19
CA ASN A 322 -8.18 -1.68 0.28
C ASN A 322 -9.26 -1.79 1.33
N ASN A 323 -10.18 -2.73 1.16
CA ASN A 323 -11.33 -2.85 2.04
C ASN A 323 -11.28 -4.10 2.91
N ASN A 324 -10.07 -4.60 3.17
CA ASN A 324 -9.94 -5.89 3.85
C ASN A 324 -10.59 -5.85 5.22
N VAL A 325 -11.27 -6.94 5.58
CA VAL A 325 -12.07 -6.95 6.80
C VAL A 325 -11.28 -6.77 8.08
N MET A 326 -10.01 -7.19 8.08
CA MET A 326 -9.22 -7.03 9.30
C MET A 326 -8.91 -5.57 9.61
N THR A 327 -8.47 -4.83 8.60
CA THR A 327 -8.28 -3.38 8.73
C THR A 327 -9.58 -2.67 9.09
N MET A 328 -10.67 -3.01 8.40
CA MET A 328 -11.95 -2.35 8.65
C MET A 328 -12.40 -2.58 10.10
N ALA A 329 -12.25 -3.81 10.58
CA ALA A 329 -12.62 -4.15 11.95
C ALA A 329 -11.71 -3.45 12.97
N ALA A 330 -10.40 -3.50 12.74
CA ALA A 330 -9.45 -2.93 13.69
C ALA A 330 -9.60 -1.43 13.78
N GLY A 331 -9.75 -0.78 12.62
CA GLY A 331 -9.92 0.67 12.59
C GLY A 331 -11.13 1.11 13.37
N TYR A 332 -12.27 0.46 13.13
CA TYR A 332 -13.50 0.83 13.80
C TYR A 332 -13.41 0.61 15.31
N ALA A 333 -12.87 -0.54 15.71
CA ALA A 333 -12.71 -0.83 17.13
C ALA A 333 -11.80 0.20 17.81
N GLY A 334 -10.69 0.53 17.17
CA GLY A 334 -9.74 1.47 17.76
C GLY A 334 -10.33 2.85 17.96
N LEU A 335 -11.00 3.36 16.93
CA LEU A 335 -11.53 4.71 16.98
C LEU A 335 -12.74 4.86 17.91
N THR A 336 -13.53 3.80 18.04
CA THR A 336 -14.72 3.87 18.90
C THR A 336 -14.45 3.52 20.36
N LYS A 337 -13.50 2.60 20.60
CA LYS A 337 -13.27 2.08 21.95
C LYS A 337 -12.08 2.72 22.65
N LEU A 338 -11.10 3.20 21.89
CA LEU A 338 -9.85 3.64 22.48
C LEU A 338 -9.46 5.07 22.10
N PHE A 339 -9.17 5.30 20.83
CA PHE A 339 -8.74 6.63 20.42
C PHE A 339 -9.90 7.43 19.87
N THR A 340 -10.82 7.74 20.77
CA THR A 340 -12.00 8.55 20.48
C THR A 340 -11.58 10.01 20.30
N PRO A 341 -12.49 10.86 19.79
CA PRO A 341 -12.13 12.28 19.72
C PRO A 341 -11.73 12.83 21.10
N GLU A 342 -12.44 12.41 22.14
CA GLU A 342 -12.12 12.82 23.50
C GLU A 342 -10.71 12.39 23.94
N ALA A 343 -10.35 11.15 23.63
CA ALA A 343 -9.02 10.63 23.92
C ALA A 343 -7.93 11.38 23.17
N ALA A 344 -8.21 11.77 21.92
CA ALA A 344 -7.25 12.54 21.14
C ALA A 344 -6.98 13.89 21.80
N GLY A 345 -8.03 14.54 22.29
CA GLY A 345 -7.90 15.80 23.04
C GLY A 345 -7.10 15.62 24.32
N ALA A 346 -7.38 14.56 25.06
CA ALA A 346 -6.70 14.31 26.33
C ALA A 346 -5.22 13.98 26.12
N LEU A 347 -4.91 13.18 25.11
CA LEU A 347 -3.52 12.84 24.82
C LEU A 347 -2.74 14.07 24.36
N ALA A 348 -3.41 14.95 23.61
CA ALA A 348 -2.81 16.20 23.14
C ALA A 348 -2.45 17.10 24.33
N GLU A 349 -3.33 17.16 25.32
CA GLU A 349 -3.06 17.92 26.55
C GLU A 349 -1.83 17.38 27.29
N ARG A 350 -1.73 16.06 27.44
CA ARG A 350 -0.56 15.42 28.05
C ARG A 350 0.72 15.76 27.28
N GLY A 351 0.64 15.76 25.95
CA GLY A 351 1.78 16.13 25.12
C GLY A 351 2.20 17.59 25.24
N GLU A 352 1.23 18.50 25.26
CA GLU A 352 1.54 19.91 25.46
C GLU A 352 2.27 20.12 26.78
N ALA A 353 1.81 19.43 27.83
CA ALA A 353 2.43 19.56 29.15
C ALA A 353 3.87 19.04 29.13
N LEU A 354 4.08 17.92 28.44
CA LEU A 354 5.42 17.36 28.31
C LEU A 354 6.36 18.28 27.52
N ARG A 355 5.88 18.79 26.38
CA ARG A 355 6.71 19.64 25.54
C ARG A 355 7.15 20.90 26.29
N ALA A 356 6.21 21.48 27.05
CA ALA A 356 6.52 22.68 27.84
C ALA A 356 7.56 22.37 28.92
N ARG A 357 7.40 21.23 29.60
CA ARG A 357 8.39 20.80 30.61
C ARG A 357 9.77 20.66 29.98
N LEU A 358 9.84 20.03 28.82
CA LEU A 358 11.12 19.82 28.16
C LEU A 358 11.77 21.11 27.70
N ASN A 359 10.98 22.00 27.10
CA ASN A 359 11.48 23.30 26.66
C ASN A 359 11.96 24.17 27.82
N ALA A 360 11.26 24.09 28.95
CA ALA A 360 11.67 24.84 30.14
C ALA A 360 13.00 24.33 30.67
N LEU A 361 13.15 23.01 30.68
CA LEU A 361 14.39 22.36 31.12
C LEU A 361 15.57 22.80 30.27
N CYS A 362 15.41 22.74 28.95
CA CYS A 362 16.48 23.11 28.03
C CYS A 362 16.89 24.57 28.20
N ALA A 363 15.89 25.45 28.29
CA ALA A 363 16.12 26.88 28.47
C ALA A 363 16.83 27.17 29.81
N ASN A 364 16.39 26.50 30.86
CA ASN A 364 17.01 26.66 32.19
C ASN A 364 18.47 26.24 32.20
N GLU A 365 18.82 25.24 31.40
CA GLU A 365 20.19 24.74 31.32
C GLU A 365 21.07 25.51 30.33
N GLY A 366 20.47 26.38 29.54
CA GLY A 366 21.21 27.22 28.59
C GLY A 366 21.73 26.52 27.36
N VAL A 367 21.20 25.34 27.07
CA VAL A 367 21.64 24.58 25.89
C VAL A 367 20.81 24.94 24.65
N ALA A 368 21.44 24.87 23.48
CA ALA A 368 20.73 25.02 22.21
C ALA A 368 20.06 23.69 21.86
N MET A 369 18.96 23.44 22.56
CA MET A 369 18.17 22.23 22.40
C MET A 369 16.72 22.64 22.67
N GLN A 370 15.81 22.11 21.86
CA GLN A 370 14.39 22.42 22.04
C GLN A 370 13.57 21.28 21.47
N PHE A 371 12.29 21.29 21.79
CA PHE A 371 11.34 20.33 21.24
C PHE A 371 10.24 21.10 20.53
N THR A 372 10.06 20.81 19.25
CA THR A 372 9.01 21.45 18.45
C THR A 372 7.85 20.49 18.26
N GLY A 373 6.65 21.02 18.03
CA GLY A 373 5.52 20.19 17.69
C GLY A 373 4.20 20.67 18.26
N ILE A 374 3.23 19.77 18.29
CA ILE A 374 1.86 20.06 18.73
C ILE A 374 1.34 18.84 19.47
N GLY A 375 0.71 19.05 20.61
CA GLY A 375 0.01 17.96 21.29
C GLY A 375 0.90 16.77 21.57
N SER A 376 0.48 15.60 21.07
CA SER A 376 1.14 14.33 21.44
C SER A 376 2.35 13.99 20.56
N LEU A 377 2.74 14.92 19.68
CA LEU A 377 3.87 14.73 18.76
C LEU A 377 4.89 15.84 18.93
N MET A 378 6.14 15.48 19.15
CA MET A 378 7.20 16.49 19.26
C MET A 378 8.53 15.95 18.74
N ASN A 379 9.51 16.82 18.56
CA ASN A 379 10.80 16.41 18.03
C ASN A 379 11.92 17.24 18.65
N ALA A 380 12.96 16.54 19.12
CA ALA A 380 14.17 17.17 19.66
C ALA A 380 14.96 17.79 18.51
N HIS A 381 15.47 19.01 18.71
CA HIS A 381 16.36 19.65 17.76
C HIS A 381 17.48 20.35 18.51
N PHE A 382 18.70 20.18 18.03
CA PHE A 382 19.86 20.88 18.61
C PHE A 382 20.13 22.19 17.88
N VAL A 383 19.19 23.12 18.07
CA VAL A 383 19.25 24.44 17.47
C VAL A 383 18.55 25.43 18.40
N GLN A 384 19.01 26.68 18.40
CA GLN A 384 18.36 27.75 19.15
C GLN A 384 17.47 28.57 18.21
N GLY A 385 16.42 29.16 18.77
CA GLY A 385 15.56 30.07 18.03
C GLY A 385 14.33 29.41 17.42
N ASP A 386 13.57 30.19 16.66
CA ASP A 386 12.34 29.69 16.04
C ASP A 386 12.65 28.71 14.92
N VAL A 387 11.99 27.55 14.96
CA VAL A 387 12.07 26.61 13.87
C VAL A 387 10.80 26.72 13.03
N ARG A 388 10.95 27.26 11.81
CA ARG A 388 9.82 27.49 10.93
C ARG A 388 9.82 26.63 9.67
N SER A 389 10.99 26.08 9.32
CA SER A 389 11.10 25.17 8.17
C SER A 389 12.35 24.32 8.35
N SER A 390 12.50 23.31 7.51
CA SER A 390 13.66 22.42 7.57
C SER A 390 14.97 23.17 7.32
N GLU A 391 14.90 24.31 6.61
CA GLU A 391 16.07 25.15 6.37
C GLU A 391 16.71 25.62 7.68
N ASP A 392 15.89 25.83 8.71
CA ASP A 392 16.39 26.24 10.02
C ASP A 392 17.20 25.14 10.72
N LEU A 393 17.10 23.92 10.20
CA LEU A 393 17.76 22.74 10.79
C LEU A 393 18.97 22.25 9.97
N ALA A 394 19.34 23.04 8.97
CA ALA A 394 20.37 22.64 7.99
C ALA A 394 21.77 22.49 8.56
N ALA A 395 22.07 23.21 9.64
CA ALA A 395 23.41 23.21 10.22
C ALA A 395 23.53 22.37 11.50
N VAL A 396 22.44 21.71 11.87
CA VAL A 396 22.41 20.86 13.07
C VAL A 396 23.43 19.72 12.97
N ASP A 397 24.04 19.38 14.10
CA ASP A 397 25.00 18.30 14.18
C ASP A 397 24.29 16.97 14.41
N GLY A 398 24.27 16.14 13.37
CA GLY A 398 23.61 14.84 13.44
C GLY A 398 24.15 13.92 14.52
N ARG A 399 25.40 14.13 14.94
CA ARG A 399 26.04 13.27 15.93
C ARG A 399 25.36 13.46 17.29
N LEU A 400 24.82 14.65 17.52
CA LEU A 400 24.13 14.94 18.77
C LEU A 400 22.82 14.19 18.89
N ARG A 401 22.08 14.09 17.78
CA ARG A 401 20.87 13.26 17.75
C ARG A 401 21.20 11.79 18.06
N GLN A 402 22.34 11.31 17.53
CA GLN A 402 22.76 9.93 17.81
C GLN A 402 23.09 9.75 19.28
N LEU A 403 23.85 10.70 19.85
CA LEU A 403 24.20 10.63 21.26
C LEU A 403 22.94 10.59 22.15
N LEU A 404 21.96 11.42 21.81
CA LEU A 404 20.66 11.41 22.51
C LEU A 404 19.97 10.05 22.42
N PHE A 405 19.89 9.52 21.20
CA PHE A 405 19.27 8.22 20.96
C PHE A 405 19.88 7.11 21.83
N PHE A 406 21.21 7.02 21.82
CA PHE A 406 21.90 5.99 22.59
C PHE A 406 21.77 6.20 24.10
N HIS A 407 21.82 7.46 24.52
CA HIS A 407 21.58 7.80 25.90
C HIS A 407 20.20 7.33 26.35
N LEU A 408 19.17 7.58 25.54
CA LEU A 408 17.82 7.18 25.89
C LEU A 408 17.72 5.67 26.01
N LEU A 409 18.37 4.94 25.10
CA LEU A 409 18.42 3.47 25.24
C LEU A 409 19.00 3.07 26.59
N ASN A 410 20.08 3.73 27.01
CA ASN A 410 20.69 3.46 28.33
C ASN A 410 19.74 3.73 29.49
N GLU A 411 18.83 4.67 29.30
CA GLU A 411 17.82 5.05 30.28
C GLU A 411 16.49 4.31 30.09
N ASP A 412 16.54 3.17 29.39
CA ASP A 412 15.36 2.30 29.18
C ASP A 412 14.24 2.98 28.39
N ILE A 413 14.62 3.81 27.44
CA ILE A 413 13.66 4.51 26.59
C ILE A 413 13.98 4.23 25.13
N TYR A 414 12.98 3.73 24.41
CA TYR A 414 13.10 3.47 22.97
C TYR A 414 12.48 4.61 22.21
N SER A 415 13.32 5.32 21.46
CA SER A 415 12.93 6.51 20.74
C SER A 415 13.30 6.33 19.27
N SER A 416 13.12 7.38 18.49
CA SER A 416 13.58 7.38 17.11
C SER A 416 14.94 8.05 16.97
N PRO A 417 15.78 7.54 16.05
CA PRO A 417 17.05 8.21 15.78
C PRO A 417 16.90 9.70 15.47
N ARG A 418 15.82 10.07 14.78
CA ARG A 418 15.65 11.46 14.37
C ARG A 418 15.15 12.39 15.49
N GLY A 419 14.89 11.85 16.68
CA GLY A 419 14.46 12.66 17.83
C GLY A 419 12.97 12.88 17.92
N PHE A 420 12.22 12.18 17.07
CA PHE A 420 10.75 12.22 17.05
C PHE A 420 10.17 11.47 18.24
N VAL A 421 9.36 12.16 19.04
CA VAL A 421 8.73 11.63 20.24
C VAL A 421 7.24 11.55 20.02
N VAL A 422 6.66 10.38 20.29
CA VAL A 422 5.25 10.12 19.97
C VAL A 422 4.59 9.50 21.18
N LEU A 423 3.57 10.16 21.72
CA LEU A 423 2.80 9.58 22.82
C LEU A 423 1.80 8.56 22.30
N SER A 424 1.62 7.49 23.06
CA SER A 424 0.57 6.52 22.82
C SER A 424 -0.29 6.37 24.07
N LEU A 425 -1.47 5.77 23.93
CA LEU A 425 -2.43 5.71 25.05
C LEU A 425 -1.94 5.00 26.31
N PRO A 426 -1.17 3.88 26.20
CA PRO A 426 -0.78 3.21 27.45
C PRO A 426 0.33 3.89 28.24
N LEU A 427 0.99 4.90 27.67
CA LEU A 427 2.06 5.59 28.40
C LEU A 427 1.52 6.22 29.67
N THR A 428 2.18 5.94 30.78
CA THR A 428 1.77 6.49 32.07
C THR A 428 2.44 7.83 32.33
N ASP A 429 1.90 8.57 33.30
CA ASP A 429 2.53 9.81 33.75
C ASP A 429 3.95 9.54 34.29
N ALA A 430 4.15 8.39 34.93
CA ALA A 430 5.48 7.94 35.37
C ALA A 430 6.47 7.70 34.21
N ASP A 431 5.99 7.08 33.13
CA ASP A 431 6.80 6.92 31.91
C ASP A 431 7.26 8.27 31.40
N ILE A 432 6.32 9.22 31.35
CA ILE A 432 6.61 10.56 30.86
C ILE A 432 7.62 11.27 31.78
N ASP A 433 7.46 11.11 33.09
CA ASP A 433 8.43 11.64 34.05
C ASP A 433 9.83 11.10 33.77
N ARG A 434 9.92 9.82 33.42
CA ARG A 434 11.20 9.20 33.11
C ARG A 434 11.83 9.79 31.85
N TYR A 435 11.01 10.11 30.84
CA TYR A 435 11.54 10.79 29.66
C TYR A 435 12.18 12.13 30.02
N VAL A 436 11.46 12.94 30.80
CA VAL A 436 11.96 14.26 31.22
C VAL A 436 13.25 14.11 32.02
N ALA A 437 13.27 13.15 32.95
CA ALA A 437 14.46 12.87 33.74
C ALA A 437 15.64 12.45 32.86
N ALA A 438 15.37 11.70 31.79
CA ALA A 438 16.41 11.24 30.87
C ALA A 438 17.01 12.37 30.03
N ILE A 439 16.18 13.34 29.67
CA ILE A 439 16.69 14.54 29.00
C ILE A 439 17.54 15.35 29.98
N GLY A 440 17.09 15.41 31.23
CA GLY A 440 17.86 16.06 32.30
C GLY A 440 19.22 15.42 32.48
N SER A 441 19.26 14.09 32.54
CA SER A 441 20.53 13.39 32.67
C SER A 441 21.39 13.49 31.42
N PHE A 442 20.74 13.56 30.25
CA PHE A 442 21.47 13.78 29.00
C PHE A 442 22.24 15.11 29.05
N ILE A 443 21.53 16.19 29.36
CA ILE A 443 22.12 17.52 29.44
C ILE A 443 23.20 17.57 30.53
N GLY A 444 22.90 16.97 31.67
CA GLY A 444 23.85 16.90 32.78
C GLY A 444 25.15 16.19 32.46
N GLY A 445 25.06 15.09 31.69
CA GLY A 445 26.22 14.29 31.35
C GLY A 445 26.95 14.68 30.07
N HIS A 446 26.30 15.47 29.23
CA HIS A 446 26.88 15.87 27.94
C HIS A 446 27.07 17.38 27.84
N GLY A 447 27.07 18.06 28.99
CA GLY A 447 27.17 19.52 29.06
C GLY A 447 28.23 20.14 28.16
N ALA A 448 29.45 19.62 28.27
CA ALA A 448 30.61 20.11 27.52
C ALA A 448 30.46 19.96 26.01
N LEU A 449 29.66 19.00 25.58
CA LEU A 449 29.52 18.65 24.16
C LEU A 449 28.41 19.42 23.44
N LEU A 450 27.42 19.88 24.18
CA LEU A 450 26.23 20.47 23.58
C LEU A 450 26.40 21.95 23.29
N PRO A 451 25.92 22.41 22.11
CA PRO A 451 25.98 23.83 21.76
C PRO A 451 25.22 24.69 22.78
N ARG A 452 25.68 25.91 22.99
CA ARG A 452 25.03 26.84 23.93
C ARG A 452 23.97 27.68 23.24
N ALA A 453 22.94 28.06 23.99
CA ALA A 453 21.88 28.94 23.47
C ALA A 453 22.43 30.31 23.07
N ASN A 454 23.34 30.83 23.88
CA ASN A 454 24.02 32.10 23.62
C ASN A 454 25.32 32.17 24.43
N THR B 22 -28.96 -10.68 -33.07
CA THR B 22 -29.12 -11.10 -31.64
C THR B 22 -29.20 -9.91 -30.68
N HIS B 23 -28.92 -8.71 -31.20
CA HIS B 23 -28.82 -7.49 -30.37
C HIS B 23 -29.99 -7.29 -29.40
N ALA B 24 -31.22 -7.24 -29.93
CA ALA B 24 -32.41 -6.99 -29.11
C ALA B 24 -32.69 -8.10 -28.09
N ALA B 25 -32.52 -9.35 -28.52
CA ALA B 25 -32.72 -10.51 -27.64
C ALA B 25 -31.75 -10.50 -26.46
N ILE B 26 -30.51 -10.09 -26.70
CA ILE B 26 -29.51 -10.01 -25.64
C ILE B 26 -29.88 -8.92 -24.63
N ASP B 27 -30.32 -7.75 -25.12
CA ASP B 27 -30.79 -6.68 -24.25
C ASP B 27 -31.91 -7.18 -23.33
N GLN B 28 -32.86 -7.93 -23.91
CA GLN B 28 -33.98 -8.47 -23.15
C GLN B 28 -33.53 -9.48 -22.09
N ALA B 29 -32.67 -10.41 -22.50
CA ALA B 29 -32.12 -11.39 -21.57
C ALA B 29 -31.39 -10.71 -20.41
N LEU B 30 -30.64 -9.66 -20.71
CA LEU B 30 -29.91 -8.95 -19.67
C LEU B 30 -30.85 -8.22 -18.69
N ALA B 31 -31.91 -7.60 -19.23
CA ALA B 31 -32.91 -6.96 -18.40
C ALA B 31 -33.56 -7.98 -17.46
N ASP B 32 -33.85 -9.17 -17.99
CA ASP B 32 -34.42 -10.25 -17.17
C ASP B 32 -33.46 -10.65 -16.06
N ALA B 33 -32.17 -10.75 -16.40
CA ALA B 33 -31.13 -11.09 -15.44
C ALA B 33 -31.02 -10.06 -14.33
N TYR B 34 -31.04 -8.77 -14.68
CA TYR B 34 -30.99 -7.72 -13.68
C TYR B 34 -32.18 -7.82 -12.72
N ARG B 35 -33.37 -8.08 -13.26
CA ARG B 35 -34.57 -8.19 -12.44
C ARG B 35 -34.47 -9.37 -11.46
N ARG B 36 -34.07 -10.53 -11.98
CA ARG B 36 -33.94 -11.74 -11.17
C ARG B 36 -32.91 -11.54 -10.05
N PHE B 37 -31.76 -10.95 -10.40
CA PHE B 37 -30.71 -10.66 -9.44
C PHE B 37 -31.20 -9.69 -8.36
N THR B 38 -31.90 -8.64 -8.78
CA THR B 38 -32.42 -7.63 -7.87
C THR B 38 -33.41 -8.25 -6.89
N ASP B 39 -34.36 -9.01 -7.41
CA ASP B 39 -35.39 -9.64 -6.58
C ASP B 39 -34.79 -10.62 -5.57
N ALA B 40 -33.70 -11.28 -5.94
CA ALA B 40 -33.06 -12.26 -5.08
C ALA B 40 -32.17 -11.67 -4.01
N ASN B 41 -31.80 -10.39 -4.16
CA ASN B 41 -30.79 -9.81 -3.28
C ASN B 41 -31.16 -8.48 -2.63
N PRO B 42 -32.33 -8.43 -1.97
CA PRO B 42 -32.77 -7.15 -1.41
C PRO B 42 -31.90 -6.60 -0.29
N ALA B 43 -31.31 -7.46 0.54
CA ALA B 43 -30.44 -6.97 1.61
C ALA B 43 -29.17 -6.36 1.04
N SER B 44 -28.63 -6.99 -0.01
CA SER B 44 -27.47 -6.39 -0.68
C SER B 44 -27.83 -5.05 -1.32
N GLN B 45 -29.04 -4.93 -1.87
CA GLN B 45 -29.42 -3.65 -2.47
C GLN B 45 -29.55 -2.56 -1.39
N ARG B 46 -30.17 -2.90 -0.26
CA ARG B 46 -30.30 -1.93 0.83
C ARG B 46 -28.93 -1.49 1.33
N GLN B 47 -28.02 -2.45 1.48
CA GLN B 47 -26.68 -2.17 1.96
C GLN B 47 -25.93 -1.23 1.00
N PHE B 48 -26.07 -1.50 -0.29
CA PHE B 48 -25.48 -0.65 -1.33
C PHE B 48 -25.98 0.79 -1.21
N GLU B 49 -27.30 0.94 -1.11
CA GLU B 49 -27.87 2.29 -1.06
C GLU B 49 -27.39 3.07 0.16
N ALA B 50 -27.29 2.41 1.31
CA ALA B 50 -26.80 3.05 2.53
C ALA B 50 -25.33 3.43 2.42
N GLN B 51 -24.53 2.52 1.90
CA GLN B 51 -23.07 2.71 1.85
C GLN B 51 -22.67 3.76 0.82
N ALA B 52 -23.53 4.00 -0.17
CA ALA B 52 -23.24 4.99 -1.21
C ALA B 52 -23.21 6.41 -0.66
N ARG B 53 -23.69 6.61 0.57
CA ARG B 53 -23.61 7.91 1.21
C ARG B 53 -22.16 8.33 1.46
N TYR B 54 -21.31 7.37 1.84
CA TYR B 54 -20.00 7.68 2.42
C TYR B 54 -18.81 7.33 1.54
N MET B 55 -19.06 6.53 0.50
CA MET B 55 -18.05 6.14 -0.48
C MET B 55 -18.69 6.25 -1.87
N PRO B 56 -17.95 6.75 -2.88
CA PRO B 56 -18.56 6.95 -4.21
C PRO B 56 -19.00 5.62 -4.80
N GLY B 57 -20.28 5.51 -5.11
CA GLY B 57 -20.87 4.24 -5.56
C GLY B 57 -20.69 3.11 -4.54
N ALA B 58 -20.67 3.50 -3.27
CA ALA B 58 -20.48 2.58 -2.14
C ALA B 58 -19.16 1.81 -2.18
N ASN B 59 -18.20 2.34 -2.95
CA ASN B 59 -17.12 1.52 -3.47
C ASN B 59 -15.74 2.03 -3.07
N SER B 60 -14.84 1.09 -2.78
CA SER B 60 -13.45 1.41 -2.47
C SER B 60 -12.44 0.65 -3.36
N ARG B 61 -12.93 -0.24 -4.23
CA ARG B 61 -12.09 -1.01 -5.18
C ARG B 61 -12.93 -1.20 -6.43
N SER B 62 -12.57 -0.51 -7.51
CA SER B 62 -13.45 -0.43 -8.68
C SER B 62 -13.96 -1.76 -9.26
N VAL B 63 -13.07 -2.77 -9.25
CA VAL B 63 -13.42 -4.07 -9.83
C VAL B 63 -14.57 -4.79 -9.10
N LEU B 64 -14.80 -4.40 -7.84
CA LEU B 64 -15.85 -4.99 -7.02
C LEU B 64 -17.22 -4.43 -7.36
N PHE B 65 -17.27 -3.31 -8.08
CA PHE B 65 -18.59 -2.80 -8.49
C PHE B 65 -19.05 -3.44 -9.79
N TYR B 66 -20.31 -3.83 -9.84
CA TYR B 66 -20.98 -4.17 -11.11
C TYR B 66 -22.46 -3.79 -11.00
N ALA B 67 -23.07 -3.53 -12.15
CA ALA B 67 -24.49 -3.19 -12.22
C ALA B 67 -25.36 -4.43 -12.09
N PRO B 68 -26.60 -4.28 -11.57
CA PRO B 68 -27.20 -3.02 -11.12
C PRO B 68 -26.67 -2.54 -9.77
N PHE B 69 -26.15 -3.47 -8.97
CA PHE B 69 -25.45 -3.15 -7.72
C PHE B 69 -24.66 -4.41 -7.35
N PRO B 70 -23.56 -4.25 -6.58
CA PRO B 70 -22.78 -5.43 -6.19
C PRO B 70 -23.33 -6.12 -4.96
N LEU B 71 -23.16 -7.43 -4.90
CA LEU B 71 -23.48 -8.18 -3.68
C LEU B 71 -22.55 -7.79 -2.55
N THR B 72 -23.11 -7.66 -1.35
CA THR B 72 -22.31 -7.60 -0.14
C THR B 72 -22.02 -9.01 0.31
N ILE B 73 -20.75 -9.28 0.59
CA ILE B 73 -20.33 -10.58 1.08
C ILE B 73 -20.22 -10.53 2.60
N ALA B 74 -20.98 -11.41 3.26
CA ALA B 74 -21.11 -11.43 4.72
C ALA B 74 -20.12 -12.33 5.43
N ARG B 75 -19.71 -13.42 4.76
CA ARG B 75 -18.95 -14.47 5.44
C ARG B 75 -18.23 -15.32 4.40
N GLY B 76 -17.12 -15.93 4.82
CA GLY B 76 -16.42 -16.91 3.99
C GLY B 76 -15.85 -18.02 4.85
N GLU B 77 -15.78 -19.21 4.27
CA GLU B 77 -15.23 -20.37 4.96
C GLU B 77 -14.72 -21.31 3.88
N GLY B 78 -13.45 -21.70 3.96
CA GLY B 78 -12.86 -22.50 2.87
C GLY B 78 -13.04 -21.80 1.54
N ALA B 79 -13.54 -22.52 0.54
CA ALA B 79 -13.84 -21.93 -0.76
C ALA B 79 -15.32 -21.56 -0.91
N ALA B 80 -16.00 -21.30 0.21
CA ALA B 80 -17.40 -20.85 0.21
C ALA B 80 -17.52 -19.39 0.63
N LEU B 81 -18.41 -18.66 -0.02
CA LEU B 81 -18.76 -17.28 0.36
C LEU B 81 -20.26 -17.18 0.53
N TRP B 82 -20.69 -16.33 1.46
CA TRP B 82 -22.11 -16.06 1.68
C TRP B 82 -22.37 -14.59 1.49
N ASP B 83 -23.46 -14.27 0.79
CA ASP B 83 -23.86 -12.88 0.62
C ASP B 83 -24.82 -12.41 1.73
N ALA B 84 -25.16 -11.13 1.69
CA ALA B 84 -25.99 -10.52 2.74
C ALA B 84 -27.40 -11.12 2.79
N ASP B 85 -27.85 -11.69 1.68
CA ASP B 85 -29.17 -12.34 1.62
C ASP B 85 -29.12 -13.81 1.95
N GLY B 86 -27.94 -14.29 2.33
CA GLY B 86 -27.79 -15.66 2.82
C GLY B 86 -27.40 -16.71 1.79
N HIS B 87 -27.30 -16.34 0.52
CA HIS B 87 -26.85 -17.29 -0.52
C HIS B 87 -25.44 -17.77 -0.26
N ARG B 88 -25.22 -19.07 -0.38
CA ARG B 88 -23.87 -19.65 -0.34
C ARG B 88 -23.40 -19.93 -1.77
N TYR B 89 -22.15 -19.55 -2.06
CA TYR B 89 -21.55 -19.79 -3.37
C TYR B 89 -20.24 -20.57 -3.25
N ALA B 90 -19.96 -21.38 -4.27
CA ALA B 90 -18.59 -21.82 -4.51
C ALA B 90 -17.81 -20.66 -5.11
N ASP B 91 -16.70 -20.33 -4.47
CA ASP B 91 -15.89 -19.17 -4.85
C ASP B 91 -14.88 -19.51 -5.95
N PHE B 92 -15.11 -18.95 -7.13
CA PHE B 92 -14.21 -19.10 -8.28
C PHE B 92 -13.49 -17.81 -8.65
N ILE B 93 -13.31 -16.93 -7.68
CA ILE B 93 -12.54 -15.69 -7.90
C ILE B 93 -11.44 -15.44 -6.83
N ALA B 94 -11.71 -15.82 -5.58
CA ALA B 94 -10.65 -15.93 -4.58
C ALA B 94 -9.75 -14.70 -4.51
N GLU B 95 -10.39 -13.55 -4.26
CA GLU B 95 -9.72 -12.26 -4.09
C GLU B 95 -8.72 -11.96 -5.22
N TYR B 96 -9.17 -12.22 -6.44
CA TYR B 96 -8.41 -11.89 -7.65
C TYR B 96 -6.99 -12.44 -7.55
N THR B 97 -6.93 -13.68 -7.05
CA THR B 97 -5.71 -14.51 -6.86
C THR B 97 -5.00 -14.37 -5.52
N ALA B 98 -5.33 -13.34 -4.75
CA ALA B 98 -4.74 -13.20 -3.43
C ALA B 98 -5.20 -14.30 -2.47
N GLY B 99 -6.43 -14.79 -2.68
CA GLY B 99 -7.08 -15.70 -1.72
C GLY B 99 -6.84 -17.17 -1.98
N VAL B 100 -5.60 -17.54 -2.31
CA VAL B 100 -5.29 -18.91 -2.69
C VAL B 100 -5.51 -19.90 -1.54
N TYR B 101 -5.54 -19.39 -0.30
CA TYR B 101 -5.67 -20.24 0.88
C TYR B 101 -7.11 -20.48 1.25
N GLY B 102 -8.03 -19.85 0.52
CA GLY B 102 -9.43 -19.83 0.93
C GLY B 102 -9.67 -18.78 2.00
N HIS B 103 -10.88 -18.77 2.54
CA HIS B 103 -11.27 -17.67 3.41
C HIS B 103 -11.02 -17.89 4.90
N SER B 104 -10.62 -19.08 5.28
CA SER B 104 -10.57 -19.40 6.72
C SER B 104 -9.49 -20.41 7.08
N ALA B 105 -8.37 -20.39 6.37
CA ALA B 105 -7.30 -21.33 6.67
C ALA B 105 -6.82 -21.19 8.11
N PRO B 106 -6.87 -22.29 8.89
CA PRO B 106 -6.43 -22.17 10.28
C PRO B 106 -4.94 -21.88 10.44
N GLU B 107 -4.12 -22.35 9.51
CA GLU B 107 -2.69 -22.11 9.58
C GLU B 107 -2.39 -20.61 9.50
N ILE B 108 -3.17 -19.92 8.68
CA ILE B 108 -3.04 -18.48 8.53
C ILE B 108 -3.54 -17.78 9.79
N ARG B 109 -4.77 -18.10 10.19
CA ARG B 109 -5.37 -17.46 11.35
C ARG B 109 -4.50 -17.66 12.59
N ASP B 110 -4.05 -18.89 12.81
CA ASP B 110 -3.22 -19.19 13.99
C ASP B 110 -1.89 -18.44 13.97
N ALA B 111 -1.27 -18.31 12.80
CA ALA B 111 -0.03 -17.56 12.66
C ALA B 111 -0.24 -16.07 13.01
N VAL B 112 -1.35 -15.50 12.56
CA VAL B 112 -1.66 -14.10 12.83
C VAL B 112 -1.96 -13.91 14.32
N ILE B 113 -2.71 -14.83 14.93
CA ILE B 113 -3.01 -14.74 16.35
C ILE B 113 -1.71 -14.81 17.17
N GLU B 114 -0.84 -15.74 16.82
CA GLU B 114 0.45 -15.88 17.52
C GLU B 114 1.31 -14.61 17.39
N ALA B 115 1.33 -14.04 16.18
CA ALA B 115 2.06 -12.78 15.97
C ALA B 115 1.49 -11.67 16.84
N MET B 116 0.16 -11.53 16.86
CA MET B 116 -0.47 -10.48 17.68
C MET B 116 -0.17 -10.63 19.16
N GLN B 117 -0.04 -11.88 19.63
CA GLN B 117 0.25 -12.15 21.03
C GLN B 117 1.67 -11.73 21.44
N GLY B 118 2.57 -11.64 20.46
CA GLY B 118 3.92 -11.13 20.69
C GLY B 118 4.01 -9.62 20.64
N GLY B 119 2.92 -8.96 20.25
CA GLY B 119 2.90 -7.50 20.11
C GLY B 119 2.96 -7.06 18.66
N ILE B 120 2.17 -6.05 18.33
CA ILE B 120 2.16 -5.49 16.98
C ILE B 120 2.70 -4.07 17.00
N ASN B 121 2.87 -3.49 15.80
CA ASN B 121 3.43 -2.14 15.64
C ASN B 121 4.79 -2.02 16.35
N LEU B 122 5.66 -2.99 16.11
CA LEU B 122 6.91 -3.12 16.87
C LEU B 122 8.00 -2.07 16.61
N THR B 123 7.84 -1.27 15.55
CA THR B 123 8.68 -0.09 15.34
C THR B 123 10.18 -0.41 15.30
N GLY B 124 10.53 -1.43 14.52
CA GLY B 124 11.94 -1.76 14.31
C GLY B 124 12.04 -2.98 13.44
N HIS B 125 13.27 -3.36 13.14
CA HIS B 125 13.52 -4.68 12.57
C HIS B 125 12.92 -5.71 13.55
N ASN B 126 12.38 -6.80 13.02
CA ASN B 126 11.71 -7.79 13.87
C ASN B 126 12.17 -9.21 13.58
N LEU B 127 11.63 -10.17 14.33
CA LEU B 127 12.05 -11.57 14.22
C LEU B 127 11.37 -12.38 13.14
N LEU B 128 10.44 -11.77 12.41
CA LEU B 128 9.65 -12.48 11.40
C LEU B 128 9.94 -12.09 9.96
N GLU B 129 10.34 -10.84 9.74
CA GLU B 129 10.54 -10.35 8.37
C GLU B 129 11.63 -11.11 7.60
N GLY B 130 12.71 -11.44 8.31
CA GLY B 130 13.84 -12.11 7.68
C GLY B 130 13.52 -13.52 7.24
N ARG B 131 12.63 -14.20 7.97
CA ARG B 131 12.21 -15.56 7.63
C ARG B 131 11.48 -15.55 6.29
N LEU B 132 10.58 -14.59 6.12
CA LEU B 132 9.81 -14.48 4.90
C LEU B 132 10.69 -14.00 3.75
N ALA B 133 11.59 -13.06 4.02
CA ALA B 133 12.51 -12.60 2.96
C ALA B 133 13.38 -13.73 2.45
N ARG B 134 13.96 -14.52 3.37
CA ARG B 134 14.77 -15.65 2.97
C ARG B 134 13.97 -16.65 2.14
N LEU B 135 12.78 -17.00 2.60
CA LEU B 135 11.96 -17.96 1.89
C LEU B 135 11.70 -17.51 0.46
N ILE B 136 11.37 -16.24 0.28
CA ILE B 136 11.07 -15.73 -1.05
C ILE B 136 12.30 -15.75 -1.96
N CYS B 137 13.45 -15.33 -1.44
CA CYS B 137 14.70 -15.37 -2.22
C CYS B 137 15.07 -16.79 -2.61
N GLU B 138 14.78 -17.76 -1.75
CA GLU B 138 15.09 -19.14 -2.08
C GLU B 138 14.11 -19.75 -3.08
N ARG B 139 12.82 -19.43 -2.96
CA ARG B 139 11.82 -20.00 -3.84
C ARG B 139 11.86 -19.37 -5.22
N PHE B 140 12.28 -18.11 -5.28
CA PHE B 140 12.35 -17.36 -6.55
C PHE B 140 13.78 -16.84 -6.66
N PRO B 141 14.74 -17.70 -7.08
CA PRO B 141 16.17 -17.36 -6.96
C PRO B 141 16.67 -16.20 -7.82
N GLN B 142 15.86 -15.76 -8.79
CA GLN B 142 16.13 -14.50 -9.49
C GLN B 142 16.02 -13.27 -8.57
N ILE B 143 15.48 -13.48 -7.36
CA ILE B 143 15.41 -12.44 -6.35
C ILE B 143 16.56 -12.73 -5.38
N GLU B 144 17.64 -11.97 -5.51
CA GLU B 144 18.81 -12.16 -4.64
C GLU B 144 18.59 -11.45 -3.31
N GLN B 145 18.03 -10.23 -3.39
CA GLN B 145 17.58 -9.50 -2.22
C GLN B 145 16.27 -8.84 -2.58
N LEU B 146 15.48 -8.52 -1.54
CA LEU B 146 14.19 -7.87 -1.74
C LEU B 146 13.93 -6.84 -0.67
N ARG B 147 12.90 -6.04 -0.91
CA ARG B 147 12.26 -5.23 0.13
C ARG B 147 10.75 -5.43 0.04
N PHE B 148 10.09 -5.33 1.19
CA PHE B 148 8.64 -5.48 1.28
C PHE B 148 7.96 -4.13 1.11
N THR B 149 6.76 -4.16 0.51
CA THR B 149 5.90 -2.98 0.37
C THR B 149 4.51 -3.35 0.90
N ASN B 150 3.57 -2.43 0.78
CA ASN B 150 2.21 -2.66 1.27
C ASN B 150 1.22 -3.07 0.19
N SER B 151 1.71 -3.17 -1.05
CA SER B 151 0.84 -3.51 -2.16
C SER B 151 1.70 -3.84 -3.38
N GLY B 152 1.09 -4.50 -4.35
CA GLY B 152 1.73 -4.74 -5.64
C GLY B 152 2.00 -3.43 -6.36
N THR B 153 1.09 -2.47 -6.21
CA THR B 153 1.28 -1.17 -6.83
C THR B 153 2.56 -0.50 -6.32
N GLU B 154 2.72 -0.47 -5.00
CA GLU B 154 3.96 0.08 -4.43
C GLU B 154 5.20 -0.68 -4.90
N ALA B 155 5.11 -2.01 -4.98
CA ALA B 155 6.25 -2.83 -5.45
C ALA B 155 6.68 -2.42 -6.86
N ASN B 156 5.71 -2.26 -7.76
CA ASN B 156 6.02 -1.84 -9.13
C ASN B 156 6.56 -0.41 -9.20
N LEU B 157 5.98 0.50 -8.43
CA LEU B 157 6.52 1.85 -8.39
C LEU B 157 7.97 1.87 -7.93
N MET B 158 8.28 1.09 -6.89
CA MET B 158 9.66 1.03 -6.41
C MET B 158 10.61 0.37 -7.40
N ALA B 159 10.16 -0.67 -8.08
CA ALA B 159 11.01 -1.35 -9.07
C ALA B 159 11.35 -0.38 -10.21
N LEU B 160 10.36 0.38 -10.65
CA LEU B 160 10.59 1.38 -11.71
C LEU B 160 11.55 2.43 -11.25
N THR B 161 11.34 2.95 -10.04
CA THR B 161 12.21 3.94 -9.45
C THR B 161 13.65 3.43 -9.36
N ALA B 162 13.83 2.19 -8.92
CA ALA B 162 15.15 1.58 -8.85
C ALA B 162 15.83 1.56 -10.22
N ALA B 163 15.09 1.18 -11.25
CA ALA B 163 15.67 1.04 -12.58
C ALA B 163 16.04 2.38 -13.19
N LEU B 164 15.20 3.40 -13.00
CA LEU B 164 15.52 4.75 -13.48
C LEU B 164 16.83 5.22 -12.89
N HIS B 165 16.99 5.04 -11.57
CA HIS B 165 18.19 5.51 -10.89
C HIS B 165 19.42 4.67 -11.27
N PHE B 166 19.26 3.36 -11.33
CA PHE B 166 20.37 2.46 -11.63
C PHE B 166 20.96 2.75 -13.02
N THR B 167 20.09 3.00 -14.00
CA THR B 167 20.51 3.21 -15.38
C THR B 167 20.80 4.67 -15.72
N GLY B 168 20.26 5.59 -14.93
CA GLY B 168 20.36 7.03 -15.22
C GLY B 168 19.54 7.46 -16.43
N ARG B 169 18.53 6.66 -16.78
CA ARG B 169 17.69 6.91 -17.96
C ARG B 169 16.24 7.11 -17.51
N ARG B 170 15.37 7.55 -18.43
CA ARG B 170 14.02 7.96 -18.07
C ARG B 170 12.87 7.18 -18.68
N LYS B 171 13.09 6.57 -19.85
CA LYS B 171 11.95 5.99 -20.59
C LYS B 171 11.66 4.59 -20.09
N ILE B 172 10.36 4.29 -19.97
CA ILE B 172 9.87 3.02 -19.46
C ILE B 172 9.01 2.36 -20.53
N VAL B 173 9.39 1.17 -20.96
CA VAL B 173 8.59 0.41 -21.91
C VAL B 173 7.61 -0.47 -21.18
N VAL B 174 6.33 -0.32 -21.52
CA VAL B 174 5.25 -1.16 -21.02
C VAL B 174 4.39 -1.62 -22.20
N PHE B 175 3.38 -2.43 -21.93
CA PHE B 175 2.58 -3.03 -23.00
C PHE B 175 1.11 -2.72 -22.84
N SER B 176 0.46 -2.45 -23.97
CA SER B 176 -0.98 -2.21 -23.91
C SER B 176 -1.69 -3.41 -23.30
N GLY B 177 -2.72 -3.12 -22.54
CA GLY B 177 -3.40 -4.11 -21.72
C GLY B 177 -2.71 -4.36 -20.40
N GLY B 178 -1.50 -3.83 -20.23
CA GLY B 178 -0.73 -4.06 -19.01
C GLY B 178 -1.40 -3.48 -17.77
N TYR B 179 -1.40 -4.27 -16.71
CA TYR B 179 -1.89 -3.80 -15.43
C TYR B 179 -0.85 -4.04 -14.36
N HIS B 180 -0.41 -2.96 -13.73
CA HIS B 180 0.67 -3.03 -12.74
C HIS B 180 0.30 -2.37 -11.43
N GLY B 181 -0.99 -2.10 -11.27
CA GLY B 181 -1.48 -1.47 -10.06
C GLY B 181 -2.33 -0.26 -10.32
N GLY B 182 -2.79 0.36 -9.22
CA GLY B 182 -3.81 1.41 -9.28
C GLY B 182 -3.44 2.68 -10.01
N VAL B 183 -2.15 2.96 -10.08
CA VAL B 183 -1.66 4.11 -10.83
C VAL B 183 -0.68 3.68 -11.94
N LEU B 184 -0.77 2.42 -12.38
CA LEU B 184 0.09 1.89 -13.46
C LEU B 184 -0.69 0.97 -14.40
N GLY B 185 -1.63 1.54 -15.13
CA GLY B 185 -2.46 0.75 -16.06
C GLY B 185 -2.41 1.33 -17.46
N PHE B 186 -2.50 0.46 -18.46
CA PHE B 186 -2.31 0.87 -19.87
C PHE B 186 -3.30 0.30 -20.84
N GLY B 187 -3.87 1.18 -21.64
CA GLY B 187 -4.50 0.81 -22.92
C GLY B 187 -3.46 1.11 -23.99
N ALA B 188 -3.88 1.61 -25.15
CA ALA B 188 -2.91 2.07 -26.14
C ALA B 188 -2.09 3.24 -25.59
N ARG B 189 -2.72 3.98 -24.69
CA ARG B 189 -2.07 5.05 -23.96
C ARG B 189 -2.23 4.77 -22.46
N PRO B 190 -1.44 5.44 -21.62
CA PRO B 190 -1.62 5.29 -20.18
C PRO B 190 -3.04 5.66 -19.75
N SER B 191 -3.57 4.92 -18.78
CA SER B 191 -4.90 5.17 -18.23
CA SER B 191 -4.91 5.18 -18.26
C SER B 191 -4.96 6.53 -17.56
N PRO B 192 -6.18 7.08 -17.36
CA PRO B 192 -6.27 8.41 -16.76
C PRO B 192 -5.68 8.53 -15.35
N THR B 193 -5.55 7.42 -14.64
CA THR B 193 -5.01 7.45 -13.28
C THR B 193 -3.52 7.11 -13.21
N THR B 194 -2.88 6.90 -14.36
CA THR B 194 -1.49 6.45 -14.39
C THR B 194 -0.49 7.60 -14.14
N VAL B 195 0.45 7.34 -13.24
CA VAL B 195 1.50 8.30 -12.90
C VAL B 195 2.26 8.71 -14.16
N PRO B 196 2.60 10.00 -14.27
CA PRO B 196 3.19 10.52 -15.50
C PRO B 196 4.71 10.28 -15.66
N PHE B 197 5.12 9.03 -15.59
CA PHE B 197 6.46 8.64 -16.07
C PHE B 197 6.49 8.78 -17.59
N ASP B 198 7.70 8.68 -18.16
CA ASP B 198 7.86 8.68 -19.62
C ASP B 198 7.64 7.26 -20.16
N PHE B 199 6.39 6.92 -20.42
CA PHE B 199 6.04 5.57 -20.88
C PHE B 199 6.03 5.45 -22.40
N LEU B 200 6.64 4.39 -22.92
CA LEU B 200 6.51 3.99 -24.31
C LEU B 200 5.66 2.73 -24.30
N VAL B 201 4.42 2.83 -24.80
CA VAL B 201 3.46 1.73 -24.73
C VAL B 201 3.45 0.96 -26.04
N LEU B 202 3.81 -0.33 -25.97
CA LEU B 202 3.95 -1.18 -27.14
C LEU B 202 2.94 -2.33 -27.12
N PRO B 203 2.66 -2.94 -28.29
CA PRO B 203 1.66 -4.00 -28.30
C PRO B 203 2.18 -5.30 -27.67
N TYR B 204 1.37 -5.91 -26.81
CA TYR B 204 1.74 -7.20 -26.22
C TYR B 204 1.83 -8.28 -27.29
N ASN B 205 2.80 -9.18 -27.12
CA ASN B 205 3.01 -10.31 -28.02
C ASN B 205 3.34 -9.91 -29.46
N ASP B 206 3.95 -8.74 -29.59
CA ASP B 206 4.47 -8.31 -30.89
C ASP B 206 5.98 -8.13 -30.77
N ALA B 207 6.71 -9.21 -31.07
CA ALA B 207 8.16 -9.21 -30.91
C ALA B 207 8.85 -8.26 -31.89
N GLN B 208 8.34 -8.19 -33.13
CA GLN B 208 8.95 -7.33 -34.15
C GLN B 208 8.90 -5.86 -33.75
N THR B 209 7.73 -5.41 -33.30
CA THR B 209 7.59 -4.04 -32.86
C THR B 209 8.43 -3.77 -31.62
N ALA B 210 8.46 -4.72 -30.68
CA ALA B 210 9.27 -4.55 -29.49
C ALA B 210 10.75 -4.39 -29.82
N ARG B 211 11.27 -5.26 -30.69
CA ARG B 211 12.68 -5.16 -31.06
C ARG B 211 12.97 -3.83 -31.75
N ALA B 212 12.09 -3.44 -32.66
CA ALA B 212 12.33 -2.21 -33.43
C ALA B 212 12.27 -0.97 -32.56
N GLN B 213 11.30 -0.92 -31.65
CA GLN B 213 11.11 0.26 -30.82
C GLN B 213 12.13 0.34 -29.69
N ILE B 214 12.48 -0.80 -29.11
CA ILE B 214 13.50 -0.83 -28.08
C ILE B 214 14.85 -0.43 -28.67
N GLU B 215 15.14 -0.90 -29.88
CA GLU B 215 16.36 -0.45 -30.58
C GLU B 215 16.31 1.06 -30.86
N ARG B 216 15.21 1.54 -31.43
CA ARG B 216 15.07 2.96 -31.78
C ARG B 216 15.34 3.89 -30.60
N HIS B 217 14.80 3.53 -29.44
CA HIS B 217 14.88 4.39 -28.26
C HIS B 217 15.86 3.87 -27.21
N GLY B 218 16.69 2.92 -27.62
CA GLY B 218 17.55 2.16 -26.69
C GLY B 218 18.27 2.99 -25.63
N PRO B 219 19.03 4.01 -26.06
CA PRO B 219 19.82 4.75 -25.07
C PRO B 219 19.00 5.51 -24.03
N GLU B 220 17.70 5.69 -24.29
CA GLU B 220 16.82 6.39 -23.36
C GLU B 220 16.03 5.45 -22.46
N ILE B 221 16.04 4.14 -22.76
CA ILE B 221 15.17 3.18 -22.06
C ILE B 221 15.84 2.64 -20.79
N ALA B 222 15.25 2.96 -19.65
CA ALA B 222 15.71 2.45 -18.35
C ALA B 222 15.25 1.03 -18.10
N VAL B 223 14.05 0.73 -18.55
CA VAL B 223 13.40 -0.48 -18.09
C VAL B 223 12.31 -0.92 -19.05
N VAL B 224 12.15 -2.24 -19.16
CA VAL B 224 11.02 -2.88 -19.83
C VAL B 224 10.26 -3.63 -18.74
N LEU B 225 9.00 -3.24 -18.53
CA LEU B 225 8.14 -3.80 -17.49
C LEU B 225 7.03 -4.59 -18.14
N VAL B 226 6.90 -5.87 -17.77
CA VAL B 226 5.92 -6.74 -18.44
C VAL B 226 5.45 -7.86 -17.52
N GLU B 227 4.18 -8.22 -17.67
CA GLU B 227 3.61 -9.42 -17.07
C GLU B 227 3.89 -10.61 -17.99
N PRO B 228 4.41 -11.73 -17.45
CA PRO B 228 4.65 -12.88 -18.35
C PRO B 228 3.37 -13.55 -18.85
N MET B 229 2.24 -13.31 -18.17
CA MET B 229 0.90 -13.56 -18.68
C MET B 229 0.11 -12.36 -18.20
N GLN B 230 -0.55 -11.64 -19.10
CA GLN B 230 -1.36 -10.51 -18.65
C GLN B 230 -2.59 -11.02 -17.89
N GLY B 231 -2.81 -10.46 -16.71
CA GLY B 231 -3.91 -10.90 -15.85
C GLY B 231 -5.19 -10.14 -16.15
N ALA B 232 -5.22 -8.87 -15.75
CA ALA B 232 -6.41 -8.03 -15.87
C ALA B 232 -6.97 -7.94 -17.29
N SER B 233 -6.10 -7.96 -18.30
CA SER B 233 -6.53 -7.84 -19.69
C SER B 233 -7.23 -9.11 -20.19
N GLY B 234 -7.15 -10.21 -19.44
CA GLY B 234 -7.88 -11.43 -19.80
C GLY B 234 -7.13 -12.75 -19.78
N CYS B 235 -6.13 -12.89 -18.91
CA CYS B 235 -5.32 -14.12 -18.84
C CYS B 235 -4.74 -14.47 -20.22
N ILE B 236 -3.88 -13.57 -20.68
CA ILE B 236 -3.29 -13.68 -22.02
C ILE B 236 -1.82 -14.06 -21.86
N PRO B 237 -1.47 -15.32 -22.19
CA PRO B 237 -0.07 -15.73 -22.04
C PRO B 237 0.89 -14.95 -22.93
N GLY B 238 2.02 -14.54 -22.36
CA GLY B 238 3.11 -14.01 -23.18
C GLY B 238 3.74 -15.14 -23.96
N GLN B 239 3.88 -14.96 -25.27
CA GLN B 239 4.51 -15.97 -26.09
C GLN B 239 6.02 -16.02 -25.83
N PRO B 240 6.60 -17.23 -25.78
CA PRO B 240 8.02 -17.28 -25.48
C PRO B 240 8.90 -16.43 -26.41
N ASP B 241 8.63 -16.41 -27.72
CA ASP B 241 9.47 -15.61 -28.60
C ASP B 241 9.37 -14.11 -28.29
N PHE B 242 8.21 -13.66 -27.83
CA PHE B 242 8.02 -12.27 -27.42
C PHE B 242 8.76 -11.98 -26.10
N LEU B 243 8.59 -12.83 -25.10
CA LEU B 243 9.25 -12.59 -23.84
C LEU B 243 10.77 -12.68 -23.95
N GLN B 244 11.26 -13.61 -24.78
CA GLN B 244 12.70 -13.70 -25.06
C GLN B 244 13.21 -12.48 -25.80
N ALA B 245 12.39 -11.93 -26.72
CA ALA B 245 12.77 -10.70 -27.42
C ALA B 245 12.95 -9.55 -26.44
N LEU B 246 12.09 -9.47 -25.43
CA LEU B 246 12.24 -8.42 -24.43
C LEU B 246 13.52 -8.59 -23.63
N ARG B 247 13.84 -9.83 -23.25
CA ARG B 247 15.09 -10.07 -22.55
C ARG B 247 16.30 -9.73 -23.44
N GLU B 248 16.25 -10.17 -24.69
CA GLU B 248 17.36 -9.96 -25.62
C GLU B 248 17.57 -8.47 -25.90
N SER B 249 16.47 -7.77 -26.20
CA SER B 249 16.55 -6.34 -26.50
C SER B 249 16.95 -5.50 -25.28
N ALA B 250 16.37 -5.80 -24.12
CA ALA B 250 16.75 -5.08 -22.91
C ALA B 250 18.26 -5.22 -22.64
N THR B 251 18.79 -6.43 -22.74
CA THR B 251 20.23 -6.63 -22.55
C THR B 251 21.04 -5.87 -23.61
N GLN B 252 20.58 -5.91 -24.86
CA GLN B 252 21.27 -5.22 -25.96
C GLN B 252 21.44 -3.74 -25.70
N VAL B 253 20.38 -3.09 -25.24
CA VAL B 253 20.38 -1.63 -25.08
C VAL B 253 20.81 -1.15 -23.70
N GLY B 254 20.97 -2.08 -22.76
CA GLY B 254 21.35 -1.72 -21.38
C GLY B 254 20.21 -1.34 -20.44
N ALA B 255 18.99 -1.76 -20.79
CA ALA B 255 17.82 -1.54 -19.94
C ALA B 255 17.66 -2.71 -18.99
N LEU B 256 16.97 -2.48 -17.88
CA LEU B 256 16.59 -3.58 -17.00
C LEU B 256 15.27 -4.18 -17.45
N LEU B 257 15.20 -5.51 -17.42
CA LEU B 257 13.92 -6.19 -17.58
C LEU B 257 13.31 -6.43 -16.21
N VAL B 258 12.05 -6.02 -16.05
CA VAL B 258 11.30 -6.25 -14.82
C VAL B 258 10.09 -7.10 -15.15
N PHE B 259 10.02 -8.29 -14.55
CA PHE B 259 8.81 -9.10 -14.66
C PHE B 259 7.90 -8.79 -13.49
N ASP B 260 6.69 -8.35 -13.82
CA ASP B 260 5.62 -8.22 -12.82
C ASP B 260 4.99 -9.60 -12.65
N GLU B 261 5.39 -10.28 -11.58
CA GLU B 261 4.84 -11.60 -11.23
C GLU B 261 3.90 -11.53 -10.03
N VAL B 262 3.29 -10.38 -9.81
CA VAL B 262 2.31 -10.26 -8.73
C VAL B 262 1.23 -11.33 -8.84
N MET B 263 0.78 -11.59 -10.07
CA MET B 263 -0.13 -12.71 -10.31
C MET B 263 0.60 -13.99 -10.75
N THR B 264 1.58 -13.87 -11.66
CA THR B 264 2.13 -15.08 -12.28
C THR B 264 3.08 -15.90 -11.41
N SER B 265 3.51 -15.35 -10.27
CA SER B 265 4.37 -16.14 -9.38
C SER B 265 3.70 -17.42 -8.87
N ARG B 266 2.37 -17.44 -8.89
CA ARG B 266 1.64 -18.61 -8.40
C ARG B 266 1.56 -19.75 -9.41
N LEU B 267 1.96 -19.50 -10.66
CA LEU B 267 1.59 -20.41 -11.76
C LEU B 267 2.45 -21.66 -11.90
N ALA B 268 3.54 -21.73 -11.14
CA ALA B 268 4.41 -22.89 -11.17
C ALA B 268 5.12 -22.90 -9.82
N PRO B 269 5.78 -24.01 -9.47
CA PRO B 269 6.42 -24.08 -8.14
C PRO B 269 7.37 -22.90 -7.84
N HIS B 270 8.01 -22.34 -8.87
CA HIS B 270 8.91 -21.20 -8.72
C HIS B 270 8.51 -20.03 -9.61
N GLY B 271 7.23 -19.96 -9.94
CA GLY B 271 6.68 -18.88 -10.74
C GLY B 271 6.85 -19.08 -12.24
N LEU B 272 6.16 -18.27 -13.01
CA LEU B 272 6.12 -18.45 -14.46
C LEU B 272 7.44 -18.12 -15.15
N ALA B 273 8.13 -17.05 -14.77
CA ALA B 273 9.39 -16.72 -15.44
C ALA B 273 10.38 -17.89 -15.34
N ASN B 274 10.48 -18.50 -14.15
CA ASN B 274 11.37 -19.65 -13.98
C ASN B 274 10.93 -20.86 -14.78
N LYS B 275 9.62 -21.08 -14.86
CA LYS B 275 9.08 -22.14 -15.70
C LYS B 275 9.51 -21.96 -17.16
N LEU B 276 9.56 -20.71 -17.60
CA LEU B 276 9.95 -20.38 -18.97
C LEU B 276 11.47 -20.30 -19.16
N GLY B 277 12.22 -20.29 -18.07
CA GLY B 277 13.68 -20.17 -18.10
C GLY B 277 14.22 -18.78 -18.41
N ILE B 278 13.40 -17.75 -18.20
CA ILE B 278 13.81 -16.37 -18.51
C ILE B 278 14.07 -15.59 -17.22
N ARG B 279 15.23 -14.92 -17.16
CA ARG B 279 15.66 -14.20 -15.95
C ARG B 279 15.48 -12.71 -16.13
N SER B 280 14.66 -12.10 -15.27
CA SER B 280 14.56 -10.64 -15.25
C SER B 280 15.53 -10.05 -14.23
N ASP B 281 15.90 -8.79 -14.43
CA ASP B 281 16.78 -8.08 -13.50
C ASP B 281 16.13 -7.78 -12.15
N LEU B 282 14.82 -7.49 -12.20
CA LEU B 282 13.99 -7.34 -11.00
C LEU B 282 12.69 -8.10 -11.22
N THR B 283 12.06 -8.45 -10.11
CA THR B 283 10.76 -9.12 -10.12
C THR B 283 9.90 -8.48 -9.03
N THR B 284 8.62 -8.28 -9.33
CA THR B 284 7.69 -7.81 -8.32
C THR B 284 6.70 -8.93 -7.97
N LEU B 285 6.29 -8.92 -6.69
CA LEU B 285 5.41 -9.94 -6.12
C LEU B 285 4.34 -9.27 -5.30
N GLY B 286 3.25 -9.99 -5.06
CA GLY B 286 2.18 -9.48 -4.24
C GLY B 286 1.10 -10.49 -4.06
N LYS B 287 -0.10 -9.98 -3.82
CA LYS B 287 -1.33 -10.80 -3.67
C LYS B 287 -1.10 -11.93 -2.62
N TYR B 288 -1.09 -13.20 -3.04
CA TYR B 288 -1.11 -14.31 -2.07
C TYR B 288 0.16 -14.48 -1.23
N ILE B 289 1.27 -13.87 -1.66
CA ILE B 289 2.55 -14.09 -0.98
C ILE B 289 2.53 -13.63 0.50
N GLY B 290 1.64 -12.68 0.82
CA GLY B 290 1.49 -12.20 2.19
C GLY B 290 0.47 -12.96 3.03
N GLY B 291 0.11 -14.16 2.57
CA GLY B 291 -0.75 -15.08 3.33
C GLY B 291 -2.21 -14.67 3.41
N GLY B 292 -2.62 -13.74 2.54
CA GLY B 292 -3.96 -13.18 2.60
C GLY B 292 -3.98 -11.80 3.21
N MET B 293 -2.84 -11.36 3.74
CA MET B 293 -2.71 -10.03 4.33
C MET B 293 -2.11 -9.02 3.35
N SER B 294 -2.30 -7.73 3.60
CA SER B 294 -1.72 -6.67 2.78
C SER B 294 -0.22 -6.94 2.52
N PHE B 295 0.21 -6.83 1.27
CA PHE B 295 1.54 -7.26 0.92
C PHE B 295 1.97 -6.85 -0.48
N GLY B 296 3.24 -6.48 -0.62
CA GLY B 296 3.94 -6.53 -1.91
C GLY B 296 5.42 -6.74 -1.65
N ALA B 297 6.17 -7.02 -2.71
CA ALA B 297 7.64 -7.03 -2.60
C ALA B 297 8.24 -6.76 -3.95
N PHE B 298 9.42 -6.12 -3.94
CA PHE B 298 10.24 -6.02 -5.14
C PHE B 298 11.63 -6.50 -4.82
N GLY B 299 12.26 -7.16 -5.78
CA GLY B 299 13.61 -7.60 -5.57
C GLY B 299 14.25 -8.08 -6.84
N GLY B 300 15.47 -8.58 -6.73
CA GLY B 300 16.19 -9.02 -7.92
C GLY B 300 17.67 -8.94 -7.67
N ARG B 301 18.41 -8.48 -8.69
CA ARG B 301 19.87 -8.36 -8.58
C ARG B 301 20.30 -7.59 -7.34
N ALA B 302 21.26 -8.17 -6.62
CA ALA B 302 21.79 -7.52 -5.42
C ALA B 302 22.42 -6.16 -5.72
N ASP B 303 23.04 -6.02 -6.89
CA ASP B 303 23.69 -4.74 -7.23
C ASP B 303 22.70 -3.61 -7.50
N VAL B 304 21.50 -3.95 -7.98
CA VAL B 304 20.44 -2.97 -8.14
C VAL B 304 19.80 -2.69 -6.78
N MET B 305 19.52 -3.74 -6.02
CA MET B 305 18.92 -3.57 -4.69
C MET B 305 19.82 -2.81 -3.71
N ALA B 306 21.13 -2.81 -3.98
CA ALA B 306 22.10 -2.06 -3.18
C ALA B 306 21.81 -0.56 -3.13
N LEU B 307 21.10 -0.04 -4.13
CA LEU B 307 20.69 1.37 -4.12
C LEU B 307 19.91 1.73 -2.87
N PHE B 308 19.26 0.72 -2.27
CA PHE B 308 18.41 0.93 -1.07
C PHE B 308 19.07 0.55 0.25
N ASP B 309 20.31 0.05 0.21
CA ASP B 309 21.04 -0.28 1.42
C ASP B 309 21.29 1.02 2.19
N PRO B 310 20.67 1.19 3.37
CA PRO B 310 20.81 2.49 4.06
C PRO B 310 22.24 2.85 4.43
N ARG B 311 23.12 1.86 4.49
CA ARG B 311 24.52 2.10 4.85
C ARG B 311 25.26 2.88 3.75
N THR B 312 24.92 2.61 2.49
CA THR B 312 25.74 3.04 1.35
C THR B 312 24.99 3.54 0.12
N GLY B 313 23.72 3.19 -0.01
CA GLY B 313 22.95 3.52 -1.21
C GLY B 313 22.24 4.85 -1.12
N PRO B 314 21.95 5.47 -2.28
CA PRO B 314 21.37 6.81 -2.34
C PRO B 314 19.86 6.89 -2.19
N LEU B 315 19.17 5.74 -2.30
CA LEU B 315 17.72 5.73 -2.28
C LEU B 315 17.13 5.32 -0.94
N ALA B 316 16.20 6.14 -0.46
CA ALA B 316 15.37 5.78 0.68
C ALA B 316 14.18 4.98 0.15
N HIS B 317 13.72 4.03 0.95
CA HIS B 317 12.44 3.39 0.69
C HIS B 317 11.71 3.27 2.02
N SER B 318 10.82 4.24 2.22
CA SER B 318 10.11 4.39 3.50
C SER B 318 8.66 3.99 3.33
N GLY B 319 8.09 3.50 4.41
CA GLY B 319 6.71 3.06 4.47
C GLY B 319 6.47 2.70 5.92
N THR B 320 5.20 2.56 6.31
CA THR B 320 4.86 2.28 7.71
C THR B 320 4.60 0.80 7.97
N PHE B 321 3.80 0.17 7.12
CA PHE B 321 3.33 -1.18 7.41
C PHE B 321 4.13 -2.28 6.71
N ASN B 322 5.23 -1.90 6.07
CA ASN B 322 5.96 -2.82 5.17
C ASN B 322 6.38 -4.13 5.79
N ASN B 323 6.88 -4.07 7.03
CA ASN B 323 7.40 -5.27 7.70
C ASN B 323 6.53 -5.74 8.86
N ASN B 324 5.24 -5.39 8.81
CA ASN B 324 4.38 -5.68 9.94
C ASN B 324 4.34 -7.18 10.29
N VAL B 325 4.35 -7.49 11.58
CA VAL B 325 4.50 -8.89 12.00
C VAL B 325 3.37 -9.81 11.56
N MET B 326 2.17 -9.26 11.42
CA MET B 326 1.02 -10.07 11.01
C MET B 326 1.16 -10.54 9.56
N THR B 327 1.52 -9.63 8.67
CA THR B 327 1.78 -9.99 7.26
C THR B 327 2.98 -10.95 7.18
N MET B 328 4.07 -10.64 7.89
CA MET B 328 5.23 -11.52 7.86
C MET B 328 4.89 -12.94 8.34
N ALA B 329 4.11 -13.06 9.41
CA ALA B 329 3.73 -14.36 9.95
C ALA B 329 2.80 -15.11 9.00
N ALA B 330 1.81 -14.39 8.46
CA ALA B 330 0.82 -15.01 7.59
C ALA B 330 1.48 -15.50 6.28
N GLY B 331 2.34 -14.67 5.71
CA GLY B 331 3.02 -15.03 4.46
C GLY B 331 3.86 -16.27 4.65
N TYR B 332 4.62 -16.30 5.75
CA TYR B 332 5.51 -17.42 6.00
C TYR B 332 4.73 -18.71 6.25
N ALA B 333 3.67 -18.62 7.05
CA ALA B 333 2.82 -19.79 7.30
C ALA B 333 2.19 -20.29 6.00
N GLY B 334 1.66 -19.38 5.18
CA GLY B 334 1.02 -19.81 3.94
C GLY B 334 1.96 -20.53 2.98
N LEU B 335 3.15 -19.96 2.80
CA LEU B 335 4.07 -20.49 1.79
C LEU B 335 4.81 -21.72 2.25
N THR B 336 4.88 -21.93 3.57
CA THR B 336 5.55 -23.12 4.09
C THR B 336 4.60 -24.30 4.34
N LYS B 337 3.36 -24.00 4.75
CA LYS B 337 2.45 -25.07 5.18
C LYS B 337 1.32 -25.38 4.21
N LEU B 338 1.02 -24.44 3.32
CA LEU B 338 -0.16 -24.55 2.44
C LEU B 338 0.17 -24.42 0.96
N PHE B 339 0.52 -23.21 0.52
CA PHE B 339 0.85 -23.04 -0.89
C PHE B 339 2.35 -23.21 -1.11
N THR B 340 2.79 -24.44 -0.87
CA THR B 340 4.18 -24.86 -1.05
C THR B 340 4.47 -24.91 -2.55
N PRO B 341 5.74 -25.05 -2.94
CA PRO B 341 6.05 -25.27 -4.36
C PRO B 341 5.29 -26.46 -4.94
N GLU B 342 5.20 -27.58 -4.21
CA GLU B 342 4.44 -28.73 -4.69
C GLU B 342 2.95 -28.39 -4.89
N ALA B 343 2.38 -27.65 -3.94
CA ALA B 343 0.96 -27.32 -4.01
C ALA B 343 0.70 -26.41 -5.20
N ALA B 344 1.66 -25.54 -5.51
CA ALA B 344 1.52 -24.65 -6.66
C ALA B 344 1.45 -25.46 -7.95
N GLY B 345 2.33 -26.47 -8.05
CA GLY B 345 2.34 -27.37 -9.21
C GLY B 345 1.06 -28.17 -9.33
N ALA B 346 0.56 -28.68 -8.20
CA ALA B 346 -0.66 -29.49 -8.20
C ALA B 346 -1.87 -28.65 -8.60
N LEU B 347 -1.97 -27.44 -8.05
CA LEU B 347 -3.08 -26.55 -8.40
C LEU B 347 -3.04 -26.15 -9.86
N ALA B 348 -1.83 -25.97 -10.39
CA ALA B 348 -1.66 -25.70 -11.82
C ALA B 348 -2.19 -26.82 -12.68
N GLU B 349 -1.90 -28.06 -12.27
CA GLU B 349 -2.36 -29.24 -13.01
C GLU B 349 -3.88 -29.31 -13.00
N ARG B 350 -4.48 -29.05 -11.84
CA ARG B 350 -5.94 -29.07 -11.71
C ARG B 350 -6.54 -27.99 -12.62
N GLY B 351 -5.89 -26.84 -12.70
CA GLY B 351 -6.37 -25.77 -13.56
C GLY B 351 -6.25 -26.08 -15.04
N GLU B 352 -5.12 -26.66 -15.44
CA GLU B 352 -4.98 -27.09 -16.83
C GLU B 352 -6.08 -28.08 -17.22
N ALA B 353 -6.39 -29.00 -16.32
CA ALA B 353 -7.44 -29.99 -16.61
C ALA B 353 -8.80 -29.31 -16.77
N LEU B 354 -9.09 -28.35 -15.92
CA LEU B 354 -10.33 -27.61 -16.02
C LEU B 354 -10.40 -26.81 -17.31
N ARG B 355 -9.34 -26.10 -17.64
CA ARG B 355 -9.37 -25.25 -18.84
C ARG B 355 -9.58 -26.11 -20.09
N ALA B 356 -8.92 -27.26 -20.13
CA ALA B 356 -9.08 -28.20 -21.23
C ALA B 356 -10.53 -28.70 -21.34
N ARG B 357 -11.14 -29.04 -20.21
CA ARG B 357 -12.55 -29.48 -20.21
C ARG B 357 -13.46 -28.37 -20.73
N LEU B 358 -13.22 -27.13 -20.28
CA LEU B 358 -14.06 -26.03 -20.70
C LEU B 358 -13.91 -25.73 -22.18
N ASN B 359 -12.69 -25.75 -22.68
CA ASN B 359 -12.47 -25.52 -24.11
C ASN B 359 -13.04 -26.64 -25.00
N ALA B 360 -12.97 -27.87 -24.52
CA ALA B 360 -13.57 -29.00 -25.25
C ALA B 360 -15.08 -28.86 -25.31
N LEU B 361 -15.68 -28.45 -24.19
CA LEU B 361 -17.12 -28.23 -24.12
C LEU B 361 -17.57 -27.16 -25.11
N CYS B 362 -16.90 -26.01 -25.09
CA CYS B 362 -17.22 -24.91 -26.01
C CYS B 362 -17.10 -25.33 -27.47
N ALA B 363 -16.02 -26.04 -27.79
CA ALA B 363 -15.79 -26.51 -29.16
C ALA B 363 -16.84 -27.52 -29.58
N ASN B 364 -17.20 -28.44 -28.68
CA ASN B 364 -18.21 -29.47 -28.97
C ASN B 364 -19.59 -28.85 -29.22
N GLU B 365 -19.87 -27.75 -28.53
CA GLU B 365 -21.16 -27.07 -28.64
C GLU B 365 -21.21 -26.09 -29.81
N GLY B 366 -20.07 -25.85 -30.45
CA GLY B 366 -19.97 -24.98 -31.62
C GLY B 366 -20.10 -23.49 -31.37
N VAL B 367 -19.82 -23.04 -30.14
CA VAL B 367 -19.93 -21.62 -29.80
C VAL B 367 -18.58 -20.91 -29.87
N ALA B 368 -18.61 -19.62 -30.20
CA ALA B 368 -17.41 -18.78 -30.16
C ALA B 368 -17.18 -18.32 -28.73
N MET B 369 -16.73 -19.27 -27.91
CA MET B 369 -16.44 -19.05 -26.50
C MET B 369 -15.21 -19.88 -26.22
N GLN B 370 -14.30 -19.35 -25.40
CA GLN B 370 -13.11 -20.06 -25.01
C GLN B 370 -12.63 -19.54 -23.66
N PHE B 371 -11.71 -20.29 -23.06
CA PHE B 371 -11.07 -19.90 -21.81
C PHE B 371 -9.57 -19.85 -22.07
N THR B 372 -8.98 -18.68 -21.82
CA THR B 372 -7.54 -18.50 -21.99
C THR B 372 -6.85 -18.50 -20.63
N GLY B 373 -5.57 -18.82 -20.61
CA GLY B 373 -4.76 -18.68 -19.40
C GLY B 373 -3.75 -19.79 -19.24
N ILE B 374 -3.30 -19.95 -18.00
CA ILE B 374 -2.27 -20.91 -17.63
C ILE B 374 -2.63 -21.46 -16.26
N GLY B 375 -2.55 -22.78 -16.09
CA GLY B 375 -2.66 -23.38 -14.76
C GLY B 375 -3.96 -23.03 -14.06
N SER B 376 -3.83 -22.50 -12.85
CA SER B 376 -4.98 -22.22 -11.98
C SER B 376 -5.69 -20.89 -12.28
N LEU B 377 -5.28 -20.21 -13.34
CA LEU B 377 -5.86 -18.92 -13.73
C LEU B 377 -6.38 -18.98 -15.14
N MET B 378 -7.66 -18.65 -15.33
CA MET B 378 -8.22 -18.63 -16.68
C MET B 378 -9.30 -17.58 -16.82
N ASN B 379 -9.70 -17.28 -18.05
CA ASN B 379 -10.70 -16.23 -18.28
C ASN B 379 -11.59 -16.60 -19.44
N ALA B 380 -12.90 -16.53 -19.22
CA ALA B 380 -13.88 -16.73 -20.29
C ALA B 380 -13.87 -15.57 -21.26
N HIS B 381 -13.93 -15.89 -22.56
CA HIS B 381 -14.03 -14.87 -23.61
C HIS B 381 -14.96 -15.34 -24.71
N PHE B 382 -15.78 -14.40 -25.22
CA PHE B 382 -16.70 -14.69 -26.31
C PHE B 382 -16.10 -14.31 -27.66
N VAL B 383 -15.00 -14.98 -28.00
CA VAL B 383 -14.32 -14.82 -29.28
C VAL B 383 -13.77 -16.16 -29.71
N GLN B 384 -13.64 -16.33 -31.02
CA GLN B 384 -12.96 -17.48 -31.59
C GLN B 384 -11.54 -17.08 -31.98
N GLY B 385 -10.64 -18.06 -32.03
CA GLY B 385 -9.30 -17.82 -32.53
C GLY B 385 -8.27 -17.61 -31.44
N ASP B 386 -7.02 -17.37 -31.84
CA ASP B 386 -5.95 -17.19 -30.88
C ASP B 386 -6.07 -15.81 -30.24
N VAL B 387 -6.05 -15.79 -28.92
CA VAL B 387 -6.07 -14.54 -28.18
C VAL B 387 -4.64 -14.24 -27.78
N ARG B 388 -4.07 -13.21 -28.40
CA ARG B 388 -2.67 -12.85 -28.18
C ARG B 388 -2.47 -11.50 -27.54
N SER B 389 -3.50 -10.64 -27.57
CA SER B 389 -3.44 -9.32 -26.96
C SER B 389 -4.84 -8.82 -26.68
N SER B 390 -4.94 -7.77 -25.88
CA SER B 390 -6.22 -7.17 -25.53
C SER B 390 -6.96 -6.67 -26.76
N GLU B 391 -6.20 -6.31 -27.81
CA GLU B 391 -6.79 -5.88 -29.08
C GLU B 391 -7.75 -6.93 -29.65
N ASP B 392 -7.42 -8.22 -29.47
CA ASP B 392 -8.25 -9.33 -29.93
C ASP B 392 -9.57 -9.45 -29.19
N LEU B 393 -9.69 -8.73 -28.08
CA LEU B 393 -10.87 -8.80 -27.20
C LEU B 393 -11.69 -7.51 -27.15
N ALA B 394 -11.26 -6.48 -27.87
CA ALA B 394 -11.83 -5.13 -27.70
C ALA B 394 -13.29 -5.03 -28.16
N ALA B 395 -13.69 -5.98 -29.01
CA ALA B 395 -15.01 -6.02 -29.61
C ALA B 395 -15.99 -6.98 -28.91
N VAL B 396 -15.49 -7.75 -27.94
CA VAL B 396 -16.34 -8.70 -27.19
C VAL B 396 -17.55 -7.97 -26.60
N ASP B 397 -18.71 -8.58 -26.75
CA ASP B 397 -19.95 -8.03 -26.24
C ASP B 397 -20.02 -8.23 -24.72
N GLY B 398 -19.85 -7.13 -23.99
CA GLY B 398 -19.85 -7.17 -22.53
C GLY B 398 -21.16 -7.66 -21.94
N ARG B 399 -22.25 -7.56 -22.69
CA ARG B 399 -23.53 -8.05 -22.19
C ARG B 399 -23.47 -9.55 -21.99
N LEU B 400 -22.70 -10.24 -22.82
CA LEU B 400 -22.56 -11.70 -22.69
C LEU B 400 -21.76 -12.08 -21.45
N ARG B 401 -20.71 -11.32 -21.15
CA ARG B 401 -19.98 -11.50 -19.89
C ARG B 401 -20.93 -11.33 -18.69
N GLN B 402 -21.83 -10.35 -18.76
CA GLN B 402 -22.77 -10.12 -17.67
C GLN B 402 -23.74 -11.28 -17.55
N LEU B 403 -24.30 -11.73 -18.67
CA LEU B 403 -25.21 -12.89 -18.64
C LEU B 403 -24.56 -14.11 -18.01
N LEU B 404 -23.28 -14.34 -18.35
CA LEU B 404 -22.53 -15.47 -17.77
C LEU B 404 -22.41 -15.31 -16.25
N PHE B 405 -22.02 -14.12 -15.82
CA PHE B 405 -21.87 -13.80 -14.40
C PHE B 405 -23.16 -14.07 -13.62
N PHE B 406 -24.28 -13.56 -14.13
CA PHE B 406 -25.55 -13.75 -13.43
C PHE B 406 -26.02 -15.20 -13.48
N HIS B 407 -25.73 -15.88 -14.59
CA HIS B 407 -26.04 -17.29 -14.68
C HIS B 407 -25.28 -18.08 -13.60
N LEU B 408 -24.01 -17.76 -13.45
CA LEU B 408 -23.21 -18.48 -12.47
C LEU B 408 -23.75 -18.24 -11.05
N LEU B 409 -24.14 -17.00 -10.73
CA LEU B 409 -24.76 -16.74 -9.41
C LEU B 409 -25.99 -17.63 -9.21
N ASN B 410 -26.80 -17.75 -10.26
CA ASN B 410 -27.99 -18.62 -10.20
C ASN B 410 -27.64 -20.07 -9.94
N GLU B 411 -26.45 -20.47 -10.39
CA GLU B 411 -25.94 -21.82 -10.19
C GLU B 411 -25.01 -21.91 -8.98
N ASP B 412 -25.15 -20.96 -8.06
CA ASP B 412 -24.46 -20.99 -6.76
C ASP B 412 -22.94 -20.91 -6.92
N ILE B 413 -22.50 -20.15 -7.92
CA ILE B 413 -21.08 -19.94 -8.18
C ILE B 413 -20.80 -18.44 -8.19
N TYR B 414 -19.79 -18.04 -7.40
CA TYR B 414 -19.37 -16.64 -7.34
C TYR B 414 -18.09 -16.48 -8.13
N SER B 415 -18.19 -15.73 -9.22
CA SER B 415 -17.12 -15.48 -10.16
CA SER B 415 -16.97 -15.46 -10.00
C SER B 415 -16.86 -13.97 -10.22
N SER B 416 -16.11 -13.57 -11.22
CA SER B 416 -15.90 -12.16 -11.47
C SER B 416 -16.70 -11.70 -12.69
N PRO B 417 -17.20 -10.46 -12.66
CA PRO B 417 -17.85 -9.90 -13.84
C PRO B 417 -17.03 -10.06 -15.14
N ARG B 418 -15.71 -9.94 -15.05
CA ARG B 418 -14.90 -9.98 -16.27
C ARG B 418 -14.64 -11.39 -16.80
N GLY B 419 -15.11 -12.41 -16.07
CA GLY B 419 -14.97 -13.79 -16.53
C GLY B 419 -13.69 -14.48 -16.08
N PHE B 420 -12.97 -13.84 -15.16
CA PHE B 420 -11.72 -14.32 -14.55
C PHE B 420 -12.07 -15.40 -13.52
N VAL B 421 -11.50 -16.58 -13.73
CA VAL B 421 -11.70 -17.77 -12.89
C VAL B 421 -10.36 -18.11 -12.22
N VAL B 422 -10.42 -18.26 -10.90
CA VAL B 422 -9.22 -18.41 -10.08
C VAL B 422 -9.44 -19.58 -9.15
N LEU B 423 -8.57 -20.58 -9.22
CA LEU B 423 -8.63 -21.68 -8.28
C LEU B 423 -7.96 -21.33 -6.97
N SER B 424 -8.46 -21.92 -5.90
CA SER B 424 -7.85 -21.81 -4.58
C SER B 424 -7.75 -23.21 -3.97
N LEU B 425 -6.92 -23.34 -2.95
CA LEU B 425 -6.62 -24.66 -2.40
C LEU B 425 -7.82 -25.47 -1.90
N PRO B 426 -8.83 -24.82 -1.25
CA PRO B 426 -9.95 -25.63 -0.73
C PRO B 426 -11.00 -26.05 -1.74
N LEU B 427 -10.90 -25.54 -2.97
CA LEU B 427 -11.89 -25.86 -3.98
C LEU B 427 -11.82 -27.35 -4.25
N THR B 428 -12.97 -28.02 -4.18
CA THR B 428 -13.01 -29.48 -4.35
C THR B 428 -13.17 -29.85 -5.83
N ASP B 429 -12.88 -31.10 -6.16
CA ASP B 429 -13.16 -31.60 -7.50
C ASP B 429 -14.64 -31.50 -7.85
N ALA B 430 -15.52 -31.73 -6.86
CA ALA B 430 -16.97 -31.54 -7.06
C ALA B 430 -17.33 -30.08 -7.36
N ASP B 431 -16.66 -29.14 -6.69
CA ASP B 431 -16.84 -27.72 -6.99
C ASP B 431 -16.45 -27.42 -8.43
N ILE B 432 -15.30 -27.94 -8.85
CA ILE B 432 -14.84 -27.75 -10.22
C ILE B 432 -15.83 -28.35 -11.23
N ASP B 433 -16.35 -29.55 -10.93
CA ASP B 433 -17.40 -30.15 -11.76
C ASP B 433 -18.62 -29.22 -11.88
N ARG B 434 -19.01 -28.58 -10.78
CA ARG B 434 -20.13 -27.64 -10.78
C ARG B 434 -19.88 -26.49 -11.75
N TYR B 435 -18.64 -26.00 -11.80
CA TYR B 435 -18.31 -24.93 -12.74
C TYR B 435 -18.50 -25.39 -14.18
N VAL B 436 -17.93 -26.55 -14.52
CA VAL B 436 -18.08 -27.07 -15.88
C VAL B 436 -19.55 -27.29 -16.23
N ALA B 437 -20.31 -27.86 -15.30
CA ALA B 437 -21.74 -28.09 -15.52
C ALA B 437 -22.47 -26.76 -15.77
N ALA B 438 -22.08 -25.72 -15.03
CA ALA B 438 -22.71 -24.42 -15.17
C ALA B 438 -22.39 -23.75 -16.50
N ILE B 439 -21.20 -23.98 -17.03
CA ILE B 439 -20.90 -23.51 -18.38
C ILE B 439 -21.73 -24.27 -19.40
N GLY B 440 -21.88 -25.58 -19.20
CA GLY B 440 -22.76 -26.40 -20.04
C GLY B 440 -24.19 -25.90 -20.07
N SER B 441 -24.74 -25.58 -18.89
CA SER B 441 -26.11 -25.07 -18.81
C SER B 441 -26.23 -23.66 -19.35
N PHE B 442 -25.18 -22.85 -19.19
CA PHE B 442 -25.16 -21.53 -19.81
C PHE B 442 -25.30 -21.65 -21.32
N ILE B 443 -24.48 -22.51 -21.93
CA ILE B 443 -24.52 -22.68 -23.40
C ILE B 443 -25.86 -23.27 -23.83
N GLY B 444 -26.35 -24.27 -23.09
CA GLY B 444 -27.65 -24.89 -23.39
C GLY B 444 -28.82 -23.93 -23.35
N GLY B 445 -28.76 -22.97 -22.44
CA GLY B 445 -29.86 -22.02 -22.22
C GLY B 445 -29.77 -20.73 -23.02
N HIS B 446 -28.56 -20.41 -23.50
CA HIS B 446 -28.30 -19.16 -24.22
C HIS B 446 -27.81 -19.38 -25.64
N GLY B 447 -28.06 -20.58 -26.18
CA GLY B 447 -27.60 -20.97 -27.52
C GLY B 447 -27.98 -20.05 -28.66
N ALA B 448 -29.14 -19.40 -28.54
CA ALA B 448 -29.61 -18.47 -29.55
C ALA B 448 -28.85 -17.14 -29.51
N LEU B 449 -28.27 -16.83 -28.35
CA LEU B 449 -27.66 -15.52 -28.13
C LEU B 449 -26.16 -15.48 -28.39
N LEU B 450 -25.52 -16.65 -28.32
CA LEU B 450 -24.07 -16.71 -28.37
C LEU B 450 -23.55 -16.74 -29.80
N PRO B 451 -22.43 -16.04 -30.07
CA PRO B 451 -21.84 -16.11 -31.39
C PRO B 451 -21.42 -17.54 -31.70
N ARG B 452 -21.62 -17.95 -32.96
CA ARG B 452 -21.31 -19.29 -33.40
C ARG B 452 -19.89 -19.37 -33.92
N ALA B 453 -19.23 -20.50 -33.66
CA ALA B 453 -17.90 -20.76 -34.19
C ALA B 453 -17.98 -21.09 -35.67
N ASN B 454 -16.87 -20.83 -36.38
CA ASN B 454 -16.73 -21.19 -37.79
C ASN B 454 -16.06 -22.56 -37.93
#